data_2P2O
#
_entry.id   2P2O
#
_cell.length_a   66.472
_cell.length_b   122.458
_cell.length_c   72.541
_cell.angle_alpha   90.00
_cell.angle_beta   97.88
_cell.angle_gamma   90.00
#
_symmetry.space_group_name_H-M   'P 1 21 1'
#
loop_
_entity.id
_entity.type
_entity.pdbx_description
1 polymer 'Maltose transacetylase'
2 water water
#
_entity_poly.entity_id   1
_entity_poly.type   'polypeptide(L)'
_entity_poly.pdbx_seq_one_letter_code
;MKSEKEKMLAGHLYNPADLELVKERERARRLVRLYNETLETEYDKRTGLLKELFGSTGERLFIEPNFRCDYGYNIHVGEN
FFMNFDGVILDVCEVRIGDHCFIGPGVHIYTATHPLDPHERNSGLEYGKPVVIGHNVWIGGRAVINPGVTIGDNAVIASG
AVVTKDVPANAVVGGNPAKVIKWLK
;
_entity_poly.pdbx_strand_id   A,B,C,D,E,F
#
# COMPACT_ATOMS: atom_id res chain seq x y z
N LYS A 2 -13.11 41.92 -12.87
CA LYS A 2 -13.62 40.60 -13.32
C LYS A 2 -14.96 40.27 -12.64
N SER A 3 -15.87 39.70 -13.43
CA SER A 3 -17.10 39.07 -12.91
C SER A 3 -16.70 37.83 -12.09
N GLU A 4 -17.66 37.32 -11.31
CA GLU A 4 -17.43 36.10 -10.55
C GLU A 4 -17.20 34.92 -11.49
N LYS A 5 -17.97 34.88 -12.58
CA LYS A 5 -17.80 33.86 -13.63
C LYS A 5 -16.40 33.86 -14.22
N GLU A 6 -15.83 35.03 -14.52
CA GLU A 6 -14.45 35.13 -15.00
C GLU A 6 -13.45 34.61 -13.98
N LYS A 7 -13.67 34.93 -12.70
CA LYS A 7 -12.76 34.44 -11.67
C LYS A 7 -12.85 32.91 -11.56
N MET A 8 -14.07 32.41 -11.58
CA MET A 8 -14.30 30.95 -11.55
C MET A 8 -13.54 30.24 -12.65
N LEU A 9 -13.70 30.71 -13.89
CA LEU A 9 -13.12 30.02 -15.03
C LEU A 9 -11.59 30.15 -15.04
N ALA A 10 -11.09 31.17 -14.37
CA ALA A 10 -9.66 31.39 -14.34
C ALA A 10 -8.96 30.64 -13.20
N GLY A 11 -9.72 29.97 -12.33
CA GLY A 11 -9.13 29.20 -11.24
C GLY A 11 -8.92 30.08 -10.02
N HIS A 12 -9.52 31.26 -10.05
CA HIS A 12 -9.40 32.23 -8.96
C HIS A 12 -10.54 32.00 -7.98
N LEU A 13 -10.38 32.54 -6.77
CA LEU A 13 -11.48 32.52 -5.82
C LEU A 13 -12.66 33.27 -6.37
N TYR A 14 -13.85 32.78 -6.07
CA TYR A 14 -15.05 33.37 -6.58
C TYR A 14 -16.22 33.01 -5.68
N ASN A 15 -17.31 33.73 -5.89
CA ASN A 15 -18.55 33.55 -5.15
C ASN A 15 -19.60 32.79 -5.96
N PRO A 16 -19.87 31.51 -5.59
CA PRO A 16 -20.91 30.76 -6.34
C PRO A 16 -22.32 31.33 -6.20
N ALA A 17 -22.54 32.19 -5.18
CA ALA A 17 -23.84 32.86 -5.01
C ALA A 17 -24.08 34.01 -6.02
N ASP A 18 -23.05 34.34 -6.79
CA ASP A 18 -23.16 35.32 -7.85
C ASP A 18 -24.37 35.03 -8.70
N LEU A 19 -25.19 36.06 -8.96
CA LEU A 19 -26.46 35.86 -9.66
C LEU A 19 -26.38 35.18 -11.05
N GLU A 20 -25.37 35.56 -11.83
CA GLU A 20 -25.15 34.97 -13.15
C GLU A 20 -24.86 33.46 -13.02
N LEU A 21 -23.99 33.13 -12.08
CA LEU A 21 -23.60 31.72 -11.86
C LEU A 21 -24.80 30.89 -11.37
N VAL A 22 -25.57 31.45 -10.44
CA VAL A 22 -26.79 30.81 -10.00
C VAL A 22 -27.76 30.51 -11.17
N LYS A 23 -27.98 31.48 -12.06
CA LYS A 23 -28.85 31.23 -13.22
C LYS A 23 -28.30 30.09 -14.09
N GLU A 24 -26.97 30.09 -14.29
CA GLU A 24 -26.31 29.09 -15.13
C GLU A 24 -26.43 27.70 -14.50
N ARG A 25 -26.25 27.63 -13.18
CA ARG A 25 -26.45 26.34 -12.46
C ARG A 25 -27.87 25.83 -12.58
N GLU A 26 -28.87 26.73 -12.51
CA GLU A 26 -30.26 26.34 -12.68
C GLU A 26 -30.57 25.82 -14.08
N ARG A 27 -29.98 26.49 -15.08
CA ARG A 27 -30.17 26.09 -16.44
C ARG A 27 -29.58 24.70 -16.69
N ALA A 28 -28.42 24.42 -16.11
CA ALA A 28 -27.79 23.10 -16.21
C ALA A 28 -28.65 22.03 -15.56
N ARG A 29 -29.21 22.32 -14.39
CA ARG A 29 -30.02 21.34 -13.67
C ARG A 29 -31.30 21.07 -14.41
N ARG A 30 -31.83 22.09 -15.08
CA ARG A 30 -32.97 21.95 -15.94
C ARG A 30 -32.74 20.95 -17.06
N LEU A 31 -31.64 21.11 -17.79
CA LEU A 31 -31.29 20.20 -18.88
C LEU A 31 -31.05 18.77 -18.39
N VAL A 32 -30.41 18.67 -17.24
CA VAL A 32 -30.06 17.41 -16.62
C VAL A 32 -31.36 16.72 -16.20
N ARG A 33 -32.31 17.50 -15.69
CA ARG A 33 -33.63 16.99 -15.32
C ARG A 33 -34.36 16.40 -16.55
N LEU A 34 -34.40 17.16 -17.65
CA LEU A 34 -34.97 16.66 -18.89
C LEU A 34 -34.25 15.38 -19.37
N TYR A 35 -32.94 15.36 -19.22
CA TYR A 35 -32.15 14.19 -19.63
C TYR A 35 -32.49 12.94 -18.81
N ASN A 36 -32.47 13.10 -17.50
CA ASN A 36 -32.66 11.98 -16.60
C ASN A 36 -34.08 11.40 -16.69
N GLU A 37 -35.01 12.21 -17.19
CA GLU A 37 -36.38 11.77 -17.41
C GLU A 37 -36.63 11.06 -18.74
N THR A 38 -35.70 11.13 -19.69
CA THR A 38 -35.91 10.47 -20.98
C THR A 38 -36.00 8.96 -20.83
N LEU A 39 -36.74 8.32 -21.73
CA LEU A 39 -36.90 6.89 -21.76
C LEU A 39 -35.65 6.21 -22.29
N GLU A 40 -35.52 4.92 -22.02
CA GLU A 40 -34.32 4.17 -22.40
C GLU A 40 -34.19 4.03 -23.92
N THR A 41 -35.28 4.30 -24.62
CA THR A 41 -35.36 4.19 -26.09
C THR A 41 -35.14 5.54 -26.81
N GLU A 42 -35.09 6.65 -26.04
CA GLU A 42 -35.04 7.99 -26.62
C GLU A 42 -33.60 8.46 -26.92
N TYR A 43 -32.92 7.70 -27.77
CA TYR A 43 -31.51 7.90 -28.03
C TYR A 43 -31.20 9.23 -28.71
N ASP A 44 -31.98 9.57 -29.72
CA ASP A 44 -31.82 10.85 -30.39
C ASP A 44 -32.09 12.06 -29.52
N LYS A 45 -33.10 12.00 -28.66
CA LYS A 45 -33.40 13.10 -27.76
C LYS A 45 -32.25 13.25 -26.75
N ARG A 46 -31.76 12.11 -26.28
CA ARG A 46 -30.60 12.12 -25.37
C ARG A 46 -29.37 12.81 -26.01
N THR A 47 -29.03 12.41 -27.22
CA THR A 47 -27.91 13.01 -27.92
C THR A 47 -28.04 14.54 -28.01
N GLY A 48 -29.19 15.02 -28.43
CA GLY A 48 -29.42 16.47 -28.60
C GLY A 48 -29.33 17.24 -27.30
N LEU A 49 -29.88 16.66 -26.22
CA LEU A 49 -29.79 17.26 -24.88
C LEU A 49 -28.34 17.41 -24.48
N LEU A 50 -27.54 16.34 -24.63
CA LEU A 50 -26.13 16.45 -24.27
C LEU A 50 -25.36 17.41 -25.11
N LYS A 51 -25.67 17.49 -26.39
CA LYS A 51 -24.89 18.39 -27.27
C LYS A 51 -25.22 19.87 -26.99
N GLU A 52 -26.39 20.11 -26.42
CA GLU A 52 -26.77 21.44 -25.93
C GLU A 52 -26.17 21.66 -24.55
N LEU A 53 -26.20 20.64 -23.71
CA LEU A 53 -25.66 20.80 -22.34
C LEU A 53 -24.16 21.06 -22.30
N PHE A 54 -23.38 20.19 -22.96
CA PHE A 54 -21.94 20.25 -22.91
C PHE A 54 -21.34 21.39 -23.76
N GLY A 55 -20.11 21.78 -23.44
CA GLY A 55 -19.35 22.75 -24.28
C GLY A 55 -19.01 22.26 -25.69
N SER A 56 -18.56 21.01 -25.78
CA SER A 56 -18.34 20.37 -27.09
C SER A 56 -18.39 18.86 -26.95
N THR A 57 -18.62 18.20 -28.08
CA THR A 57 -18.74 16.73 -28.18
C THR A 57 -18.20 16.28 -29.53
N GLY A 58 -18.02 14.98 -29.67
CA GLY A 58 -17.87 14.35 -30.98
C GLY A 58 -19.22 14.05 -31.63
N GLU A 59 -19.21 13.17 -32.63
CA GLU A 59 -20.44 12.82 -33.31
C GLU A 59 -21.41 12.06 -32.43
N ARG A 60 -20.88 11.12 -31.63
CA ARG A 60 -21.66 10.16 -30.87
C ARG A 60 -21.26 10.19 -29.38
N LEU A 61 -22.25 10.11 -28.51
CA LEU A 61 -22.03 9.97 -27.07
C LEU A 61 -23.30 9.36 -26.46
N PHE A 62 -23.10 8.73 -25.29
CA PHE A 62 -24.18 8.08 -24.59
C PHE A 62 -23.86 8.07 -23.09
N ILE A 63 -24.84 8.49 -22.29
CA ILE A 63 -24.69 8.53 -20.84
C ILE A 63 -25.96 7.90 -20.20
N GLU A 64 -25.76 6.90 -19.35
CA GLU A 64 -26.86 6.31 -18.61
C GLU A 64 -27.35 7.19 -17.47
N PRO A 65 -28.67 7.53 -17.42
CA PRO A 65 -29.18 8.18 -16.20
C PRO A 65 -28.96 7.37 -14.90
N ASN A 66 -28.89 8.03 -13.75
CA ASN A 66 -28.82 9.48 -13.60
C ASN A 66 -27.44 10.09 -13.91
N PHE A 67 -27.44 11.30 -14.45
CA PHE A 67 -26.26 12.09 -14.62
C PHE A 67 -26.48 13.41 -13.83
N ARG A 68 -25.40 13.96 -13.31
CA ARG A 68 -25.38 15.27 -12.60
C ARG A 68 -24.19 16.09 -13.04
N CYS A 69 -24.36 17.41 -13.18
CA CYS A 69 -23.22 18.32 -13.38
C CYS A 69 -23.49 19.72 -12.80
N ASP A 70 -22.48 20.59 -12.77
CA ASP A 70 -22.70 21.96 -12.21
C ASP A 70 -23.13 22.99 -13.28
N TYR A 71 -22.40 23.01 -14.40
CA TYR A 71 -22.64 24.05 -15.45
C TYR A 71 -22.95 23.47 -16.82
N GLY A 72 -22.35 22.32 -17.13
CA GLY A 72 -22.60 21.64 -18.44
C GLY A 72 -21.61 22.11 -19.48
N TYR A 73 -21.53 23.43 -19.65
CA TYR A 73 -20.70 24.04 -20.71
C TYR A 73 -19.19 23.91 -20.57
N ASN A 74 -18.71 23.58 -19.35
CA ASN A 74 -17.33 23.29 -19.07
C ASN A 74 -16.89 21.86 -19.36
N ILE A 75 -17.84 21.03 -19.76
CA ILE A 75 -17.57 19.61 -20.11
C ILE A 75 -17.38 19.48 -21.64
N HIS A 76 -16.25 18.90 -22.01
CA HIS A 76 -15.86 18.70 -23.42
C HIS A 76 -15.44 17.24 -23.57
N VAL A 77 -16.11 16.53 -24.46
CA VAL A 77 -15.82 15.11 -24.65
C VAL A 77 -15.52 14.77 -26.11
N GLY A 78 -14.65 13.78 -26.28
CA GLY A 78 -14.24 13.33 -27.59
C GLY A 78 -15.15 12.30 -28.16
N GLU A 79 -14.70 11.70 -29.26
CA GLU A 79 -15.55 10.78 -29.98
C GLU A 79 -16.01 9.56 -29.17
N ASN A 80 -17.24 9.11 -29.43
CA ASN A 80 -17.82 7.89 -28.83
C ASN A 80 -17.77 7.88 -27.30
N PHE A 81 -18.04 9.01 -26.68
CA PHE A 81 -17.94 9.06 -25.22
C PHE A 81 -19.02 8.16 -24.58
N PHE A 82 -18.67 7.38 -23.54
CA PHE A 82 -19.68 6.59 -22.81
C PHE A 82 -19.44 6.79 -21.32
N MET A 83 -20.53 7.10 -20.60
CA MET A 83 -20.51 7.15 -19.11
C MET A 83 -21.70 6.36 -18.56
N ASN A 84 -21.43 5.40 -17.69
CA ASN A 84 -22.42 4.50 -17.17
C ASN A 84 -23.21 5.15 -16.01
N PHE A 85 -24.13 4.38 -15.41
CA PHE A 85 -25.13 4.92 -14.48
C PHE A 85 -24.54 5.81 -13.39
N ASP A 86 -25.25 6.89 -13.08
CA ASP A 86 -25.09 7.59 -11.79
C ASP A 86 -23.77 8.34 -11.63
N GLY A 87 -23.33 8.96 -12.71
CA GLY A 87 -22.16 9.75 -12.72
C GLY A 87 -22.42 11.18 -12.23
N VAL A 88 -21.39 11.75 -11.65
CA VAL A 88 -21.32 13.18 -11.26
C VAL A 88 -20.04 13.89 -11.81
N ILE A 89 -20.23 15.01 -12.49
CA ILE A 89 -19.09 15.83 -12.91
C ILE A 89 -19.30 17.26 -12.41
N LEU A 90 -18.50 17.69 -11.43
CA LEU A 90 -18.59 19.07 -10.89
C LEU A 90 -17.62 19.90 -11.73
N ASP A 91 -18.18 20.56 -12.74
CA ASP A 91 -17.43 21.27 -13.79
C ASP A 91 -17.48 22.79 -13.58
N VAL A 92 -16.98 23.22 -12.41
CA VAL A 92 -16.70 24.62 -12.11
C VAL A 92 -15.60 25.14 -13.06
N CYS A 93 -14.61 24.29 -13.35
CA CYS A 93 -13.64 24.56 -14.38
C CYS A 93 -13.76 23.46 -15.45
N GLU A 94 -12.95 23.57 -16.50
CA GLU A 94 -13.09 22.69 -17.66
C GLU A 94 -12.86 21.24 -17.28
N VAL A 95 -13.61 20.35 -17.90
CA VAL A 95 -13.36 18.91 -17.79
C VAL A 95 -13.29 18.51 -19.25
N ARG A 96 -12.06 18.19 -19.66
CA ARG A 96 -11.75 17.88 -21.08
C ARG A 96 -11.35 16.42 -21.18
N ILE A 97 -12.06 15.66 -22.00
CA ILE A 97 -11.94 14.22 -22.10
C ILE A 97 -11.73 13.87 -23.56
N GLY A 98 -10.73 13.05 -23.87
CA GLY A 98 -10.43 12.69 -25.26
C GLY A 98 -11.37 11.65 -25.84
N ASP A 99 -10.89 10.99 -26.89
CA ASP A 99 -11.75 10.11 -27.67
C ASP A 99 -11.88 8.70 -27.05
N HIS A 100 -12.96 8.02 -27.32
CA HIS A 100 -13.10 6.60 -26.94
C HIS A 100 -12.95 6.36 -25.43
N CYS A 101 -13.53 7.27 -24.64
CA CYS A 101 -13.49 7.12 -23.18
C CYS A 101 -14.62 6.18 -22.74
N PHE A 102 -14.31 5.29 -21.79
CA PHE A 102 -15.38 4.45 -21.20
C PHE A 102 -15.33 4.78 -19.71
N ILE A 103 -16.45 5.26 -19.16
CA ILE A 103 -16.46 5.62 -17.75
C ILE A 103 -17.52 4.74 -17.11
N GLY A 104 -17.13 4.04 -16.05
CA GLY A 104 -18.02 3.07 -15.36
C GLY A 104 -19.07 3.79 -14.52
N PRO A 105 -19.94 3.03 -13.80
CA PRO A 105 -21.01 3.66 -13.07
C PRO A 105 -20.52 4.32 -11.79
N GLY A 106 -21.29 5.29 -11.30
CA GLY A 106 -20.96 5.96 -10.03
C GLY A 106 -19.66 6.70 -9.97
N VAL A 107 -19.13 7.10 -11.13
CA VAL A 107 -17.85 7.79 -11.17
C VAL A 107 -18.08 9.29 -10.90
N HIS A 108 -17.25 9.86 -10.03
CA HIS A 108 -17.26 11.32 -9.74
C HIS A 108 -15.98 12.01 -10.22
N ILE A 109 -16.14 13.06 -11.01
CA ILE A 109 -15.03 13.89 -11.43
C ILE A 109 -15.27 15.31 -10.88
N TYR A 110 -14.31 15.82 -10.12
CA TYR A 110 -14.45 17.08 -9.42
C TYR A 110 -13.45 18.11 -9.95
N THR A 111 -13.92 19.32 -10.23
CA THR A 111 -13.00 20.43 -10.42
C THR A 111 -13.18 21.44 -9.26
N ALA A 112 -14.33 21.38 -8.57
CA ALA A 112 -14.66 22.28 -7.45
C ALA A 112 -13.86 21.95 -6.17
N THR A 113 -13.40 22.99 -5.47
CA THR A 113 -12.70 22.80 -4.20
C THR A 113 -12.87 24.04 -3.29
N HIS A 114 -12.50 23.88 -2.03
CA HIS A 114 -12.68 24.89 -0.99
C HIS A 114 -11.35 25.17 -0.35
N PRO A 115 -11.18 26.38 0.23
CA PRO A 115 -10.01 26.66 1.07
C PRO A 115 -9.95 25.66 2.23
N LEU A 116 -8.75 25.27 2.66
CA LEU A 116 -8.62 24.36 3.81
C LEU A 116 -8.88 25.03 5.17
N ASP A 117 -8.54 26.30 5.28
CA ASP A 117 -8.71 27.03 6.53
C ASP A 117 -10.21 27.22 6.75
N PRO A 118 -10.71 26.87 7.97
CA PRO A 118 -12.16 26.94 8.20
C PRO A 118 -12.77 28.32 8.00
N HIS A 119 -12.06 29.36 8.44
CA HIS A 119 -12.61 30.72 8.33
C HIS A 119 -12.66 31.15 6.87
N GLU A 120 -11.57 30.94 6.14
CA GLU A 120 -11.53 31.19 4.69
C GLU A 120 -12.61 30.39 3.95
N ARG A 121 -12.75 29.10 4.31
CA ARG A 121 -13.84 28.26 3.73
C ARG A 121 -15.24 28.83 4.02
N ASN A 122 -15.40 29.36 5.22
CA ASN A 122 -16.71 29.86 5.67
C ASN A 122 -17.18 31.16 4.99
N SER A 123 -16.23 31.82 4.35
CA SER A 123 -16.49 33.04 3.59
C SER A 123 -17.44 32.73 2.46
N GLY A 124 -17.51 31.45 2.07
CA GLY A 124 -18.35 31.04 0.94
C GLY A 124 -17.62 31.02 -0.38
N LEU A 125 -16.43 31.62 -0.43
CA LEU A 125 -15.63 31.62 -1.64
C LEU A 125 -15.04 30.24 -1.92
N GLU A 126 -15.08 29.88 -3.21
CA GLU A 126 -14.61 28.59 -3.65
C GLU A 126 -13.64 28.82 -4.80
N TYR A 127 -13.10 27.73 -5.31
CA TYR A 127 -12.28 27.81 -6.50
C TYR A 127 -12.28 26.46 -7.20
N GLY A 128 -11.63 26.42 -8.36
CA GLY A 128 -11.58 25.20 -9.11
C GLY A 128 -10.25 24.96 -9.79
N LYS A 129 -10.03 23.70 -10.18
CA LYS A 129 -8.86 23.33 -10.94
C LYS A 129 -9.32 22.33 -12.01
N PRO A 130 -8.93 22.55 -13.27
CA PRO A 130 -9.49 21.70 -14.32
C PRO A 130 -9.02 20.23 -14.26
N VAL A 131 -9.74 19.35 -14.94
CA VAL A 131 -9.35 17.95 -15.05
C VAL A 131 -9.23 17.65 -16.54
N VAL A 132 -8.16 16.97 -16.91
CA VAL A 132 -7.90 16.62 -18.33
C VAL A 132 -7.72 15.13 -18.41
N ILE A 133 -8.44 14.47 -19.32
CA ILE A 133 -8.40 13.01 -19.49
C ILE A 133 -8.08 12.76 -20.98
N GLY A 134 -7.09 11.90 -21.24
CA GLY A 134 -6.59 11.66 -22.61
C GLY A 134 -7.49 10.79 -23.43
N HIS A 135 -6.95 10.27 -24.53
CA HIS A 135 -7.65 9.40 -25.46
C HIS A 135 -7.52 7.95 -24.98
N ASN A 136 -8.53 7.13 -25.26
CA ASN A 136 -8.53 5.66 -25.06
C ASN A 136 -8.35 5.33 -23.58
N VAL A 137 -9.00 6.11 -22.73
CA VAL A 137 -8.89 5.94 -21.26
C VAL A 137 -10.09 5.13 -20.75
N TRP A 138 -9.86 4.28 -19.75
CA TRP A 138 -10.97 3.57 -19.11
C TRP A 138 -10.96 3.96 -17.63
N ILE A 139 -12.05 4.59 -17.18
CA ILE A 139 -12.16 4.97 -15.78
C ILE A 139 -13.14 3.92 -15.19
N GLY A 140 -12.63 3.05 -14.34
CA GLY A 140 -13.48 1.98 -13.75
C GLY A 140 -14.57 2.55 -12.85
N GLY A 141 -15.63 1.78 -12.65
CA GLY A 141 -16.75 2.18 -11.82
C GLY A 141 -16.34 2.66 -10.42
N ARG A 142 -17.04 3.68 -9.90
CA ARG A 142 -16.80 4.23 -8.55
C ARG A 142 -15.48 4.94 -8.25
N ALA A 143 -14.68 5.22 -9.30
CA ALA A 143 -13.52 6.05 -9.14
C ALA A 143 -13.89 7.50 -8.83
N VAL A 144 -12.98 8.14 -8.12
CA VAL A 144 -12.95 9.59 -7.86
C VAL A 144 -11.74 10.25 -8.53
N ILE A 145 -12.01 11.21 -9.42
CA ILE A 145 -10.95 12.01 -10.04
C ILE A 145 -11.03 13.42 -9.41
N ASN A 146 -9.97 13.79 -8.69
CA ASN A 146 -9.91 15.05 -7.96
C ASN A 146 -9.49 16.25 -8.83
N PRO A 147 -9.74 17.48 -8.34
CA PRO A 147 -9.35 18.68 -9.13
C PRO A 147 -7.88 18.75 -9.52
N GLY A 148 -7.64 19.20 -10.77
CA GLY A 148 -6.29 19.49 -11.21
C GLY A 148 -5.56 18.28 -11.77
N VAL A 149 -6.23 17.15 -11.84
CA VAL A 149 -5.60 15.89 -12.23
C VAL A 149 -5.58 15.81 -13.74
N THR A 150 -4.43 15.43 -14.32
CA THR A 150 -4.37 15.01 -15.74
C THR A 150 -4.13 13.50 -15.82
N ILE A 151 -4.88 12.84 -16.70
CA ILE A 151 -4.75 11.41 -16.93
C ILE A 151 -4.29 11.25 -18.37
N GLY A 152 -3.12 10.62 -18.56
CA GLY A 152 -2.55 10.41 -19.91
C GLY A 152 -3.32 9.46 -20.83
N ASP A 153 -2.92 9.46 -22.12
CA ASP A 153 -3.61 8.59 -23.09
C ASP A 153 -3.44 7.12 -22.69
N ASN A 154 -4.47 6.32 -22.95
CA ASN A 154 -4.45 4.85 -22.77
C ASN A 154 -4.39 4.40 -21.30
N ALA A 155 -4.46 5.34 -20.35
CA ALA A 155 -4.41 4.99 -18.93
C ALA A 155 -5.68 4.23 -18.49
N VAL A 156 -5.56 3.41 -17.43
CA VAL A 156 -6.74 2.73 -16.84
C VAL A 156 -6.80 3.07 -15.37
N ILE A 157 -7.99 3.50 -14.93
CA ILE A 157 -8.25 3.79 -13.52
C ILE A 157 -9.07 2.60 -13.03
N ALA A 158 -8.51 1.82 -12.13
CA ALA A 158 -9.20 0.66 -11.54
C ALA A 158 -10.50 1.11 -10.84
N SER A 159 -11.52 0.24 -10.78
CA SER A 159 -12.75 0.56 -10.05
C SER A 159 -12.41 0.99 -8.63
N GLY A 160 -13.17 1.94 -8.12
CA GLY A 160 -12.91 2.51 -6.76
C GLY A 160 -11.68 3.32 -6.52
N ALA A 161 -10.84 3.54 -7.54
CA ALA A 161 -9.63 4.32 -7.26
C ALA A 161 -9.96 5.75 -6.93
N VAL A 162 -9.24 6.29 -5.94
CA VAL A 162 -9.30 7.74 -5.63
C VAL A 162 -8.04 8.43 -6.15
N VAL A 163 -8.24 9.18 -7.22
CA VAL A 163 -7.10 9.73 -7.97
C VAL A 163 -6.82 11.15 -7.54
N THR A 164 -5.68 11.30 -6.88
CA THR A 164 -5.28 12.56 -6.24
C THR A 164 -4.16 13.28 -7.00
N LYS A 165 -3.50 12.59 -7.92
CA LYS A 165 -2.38 13.16 -8.66
C LYS A 165 -2.38 12.67 -10.11
N ASP A 166 -1.53 13.26 -10.94
CA ASP A 166 -1.52 12.96 -12.37
C ASP A 166 -1.25 11.49 -12.63
N VAL A 167 -1.87 10.96 -13.67
CA VAL A 167 -1.70 9.57 -14.05
C VAL A 167 -0.98 9.57 -15.39
N PRO A 168 0.17 8.87 -15.45
CA PRO A 168 0.94 8.83 -16.69
C PRO A 168 0.18 8.09 -17.80
N ALA A 169 0.45 8.46 -19.04
CA ALA A 169 -0.05 7.73 -20.16
C ALA A 169 0.41 6.25 -20.02
N ASN A 170 -0.45 5.32 -20.42
CA ASN A 170 -0.15 3.87 -20.41
C ASN A 170 0.06 3.26 -19.03
N ALA A 171 -0.39 3.96 -17.99
CA ALA A 171 -0.29 3.45 -16.62
C ALA A 171 -1.67 2.94 -16.18
N VAL A 172 -1.72 1.88 -15.37
CA VAL A 172 -2.93 1.45 -14.63
C VAL A 172 -2.72 1.94 -13.19
N VAL A 173 -3.72 2.59 -12.61
CA VAL A 173 -3.58 3.04 -11.21
C VAL A 173 -4.75 2.49 -10.39
N GLY A 174 -4.54 2.29 -9.10
CA GLY A 174 -5.59 1.70 -8.27
C GLY A 174 -5.27 2.03 -6.83
N GLY A 175 -6.30 2.00 -5.96
CA GLY A 175 -6.10 2.32 -4.54
C GLY A 175 -6.62 3.67 -4.11
N ASN A 176 -6.46 3.95 -2.82
CA ASN A 176 -6.82 5.23 -2.25
C ASN A 176 -5.76 5.70 -1.21
N PRO A 177 -4.82 6.61 -1.59
CA PRO A 177 -4.73 7.30 -2.88
C PRO A 177 -4.23 6.34 -3.95
N ALA A 178 -4.69 6.54 -5.18
CA ALA A 178 -4.34 5.65 -6.27
C ALA A 178 -2.82 5.64 -6.50
N LYS A 179 -2.28 4.50 -6.82
CA LYS A 179 -0.90 4.42 -7.26
C LYS A 179 -0.78 3.59 -8.49
N VAL A 180 0.31 3.75 -9.22
CA VAL A 180 0.55 2.93 -10.40
C VAL A 180 0.72 1.47 -10.00
N ILE A 181 -0.10 0.59 -10.59
CA ILE A 181 -0.05 -0.82 -10.25
C ILE A 181 0.51 -1.67 -11.38
N LYS A 182 0.55 -1.08 -12.56
CA LYS A 182 1.24 -1.71 -13.68
C LYS A 182 1.19 -0.85 -14.92
N TRP A 183 1.92 -1.29 -15.94
CA TRP A 183 2.06 -0.49 -17.16
C TRP A 183 1.59 -1.29 -18.38
N LEU A 184 1.20 -0.55 -19.42
CA LEU A 184 0.61 -1.14 -20.62
C LEU A 184 1.33 -0.82 -21.94
N LYS A 185 1.14 -1.68 -22.94
CA LYS A 185 1.30 -1.32 -24.39
C LYS A 185 2.70 -0.80 -24.75
N LYS B 2 -21.87 -18.80 -32.95
CA LYS B 2 -22.04 -18.01 -31.69
C LYS B 2 -22.39 -16.53 -31.86
N SER B 3 -23.57 -16.18 -31.36
CA SER B 3 -24.06 -14.81 -31.35
C SER B 3 -23.27 -13.98 -30.34
N GLU B 4 -23.47 -12.67 -30.40
CA GLU B 4 -22.81 -11.80 -29.42
C GLU B 4 -23.30 -12.12 -28.00
N LYS B 5 -24.59 -12.44 -27.89
CA LYS B 5 -25.17 -12.86 -26.58
C LYS B 5 -24.51 -14.12 -26.02
N GLU B 6 -24.37 -15.15 -26.85
CA GLU B 6 -23.70 -16.38 -26.41
C GLU B 6 -22.26 -16.13 -25.99
N LYS B 7 -21.54 -15.28 -26.75
CA LYS B 7 -20.17 -14.92 -26.36
C LYS B 7 -20.13 -14.11 -25.07
N MET B 8 -21.04 -13.16 -24.92
CA MET B 8 -21.16 -12.38 -23.68
C MET B 8 -21.27 -13.32 -22.48
N LEU B 9 -22.28 -14.18 -22.52
CA LEU B 9 -22.55 -15.11 -21.42
C LEU B 9 -21.40 -16.09 -21.11
N ALA B 10 -20.68 -16.50 -22.15
CA ALA B 10 -19.55 -17.41 -22.02
C ALA B 10 -18.26 -16.74 -21.53
N GLY B 11 -18.25 -15.42 -21.41
CA GLY B 11 -17.03 -14.72 -20.96
C GLY B 11 -16.05 -14.33 -22.06
N HIS B 12 -16.49 -14.41 -23.31
CA HIS B 12 -15.69 -14.03 -24.45
C HIS B 12 -15.92 -12.57 -24.86
N LEU B 13 -15.01 -12.03 -25.69
CA LEU B 13 -15.23 -10.70 -26.27
C LEU B 13 -16.51 -10.65 -27.09
N TYR B 14 -17.29 -9.58 -26.90
CA TYR B 14 -18.57 -9.46 -27.56
C TYR B 14 -18.84 -7.96 -27.84
N ASN B 15 -19.71 -7.67 -28.79
CA ASN B 15 -20.06 -6.29 -29.13
C ASN B 15 -21.39 -5.97 -28.48
N PRO B 16 -21.41 -5.09 -27.45
CA PRO B 16 -22.67 -4.72 -26.82
C PRO B 16 -23.73 -4.07 -27.76
N ALA B 17 -23.29 -3.54 -28.91
CA ALA B 17 -24.21 -2.92 -29.88
C ALA B 17 -25.03 -3.93 -30.67
N ASP B 18 -24.71 -5.22 -30.52
CA ASP B 18 -25.55 -6.31 -31.06
C ASP B 18 -27.03 -6.01 -30.83
N LEU B 19 -27.84 -6.19 -31.87
CA LEU B 19 -29.24 -5.81 -31.82
C LEU B 19 -30.04 -6.58 -30.75
N GLU B 20 -29.80 -7.89 -30.62
CA GLU B 20 -30.50 -8.67 -29.61
C GLU B 20 -30.18 -8.13 -28.21
N LEU B 21 -28.90 -7.90 -27.95
CA LEU B 21 -28.47 -7.40 -26.64
C LEU B 21 -29.04 -6.01 -26.32
N VAL B 22 -29.03 -5.10 -27.30
CA VAL B 22 -29.64 -3.77 -27.10
C VAL B 22 -31.12 -3.91 -26.71
N LYS B 23 -31.87 -4.76 -27.38
CA LYS B 23 -33.24 -5.05 -27.01
C LYS B 23 -33.37 -5.55 -25.58
N GLU B 24 -32.56 -6.51 -25.23
CA GLU B 24 -32.55 -7.04 -23.84
C GLU B 24 -32.20 -5.97 -22.80
N ARG B 25 -31.20 -5.14 -23.10
CA ARG B 25 -30.84 -3.98 -22.25
C ARG B 25 -31.99 -2.98 -22.12
N GLU B 26 -32.73 -2.75 -23.21
CA GLU B 26 -33.88 -1.86 -23.18
C GLU B 26 -35.01 -2.40 -22.30
N ARG B 27 -35.26 -3.70 -22.43
CA ARG B 27 -36.26 -4.41 -21.62
C ARG B 27 -35.92 -4.29 -20.13
N ALA B 28 -34.65 -4.49 -19.78
CA ALA B 28 -34.20 -4.36 -18.38
C ALA B 28 -34.41 -2.94 -17.85
N ARG B 29 -34.00 -1.94 -18.62
CA ARG B 29 -34.19 -0.57 -18.21
C ARG B 29 -35.65 -0.16 -18.06
N ARG B 30 -36.53 -0.69 -18.91
CA ARG B 30 -37.97 -0.46 -18.77
C ARG B 30 -38.43 -0.97 -17.40
N LEU B 31 -38.11 -2.23 -17.10
CA LEU B 31 -38.50 -2.85 -15.84
C LEU B 31 -37.92 -2.10 -14.64
N VAL B 32 -36.67 -1.64 -14.76
CA VAL B 32 -35.99 -0.83 -13.72
C VAL B 32 -36.64 0.55 -13.54
N ARG B 33 -37.06 1.16 -14.65
CA ARG B 33 -37.78 2.44 -14.61
C ARG B 33 -39.11 2.30 -13.86
N LEU B 34 -39.86 1.25 -14.15
CA LEU B 34 -41.13 0.97 -13.46
C LEU B 34 -40.85 0.73 -11.97
N TYR B 35 -39.81 -0.04 -11.67
CA TYR B 35 -39.43 -0.34 -10.29
C TYR B 35 -39.10 0.92 -9.51
N ASN B 36 -38.23 1.76 -10.08
CA ASN B 36 -37.75 2.95 -9.41
C ASN B 36 -38.81 4.02 -9.18
N GLU B 37 -39.89 3.96 -9.96
CA GLU B 37 -41.04 4.86 -9.82
C GLU B 37 -42.09 4.38 -8.79
N THR B 38 -41.97 3.14 -8.32
CA THR B 38 -42.93 2.56 -7.33
C THR B 38 -42.88 3.31 -6.00
N LEU B 39 -44.05 3.45 -5.38
CA LEU B 39 -44.16 4.12 -4.09
C LEU B 39 -43.57 3.25 -2.98
N GLU B 40 -43.12 3.92 -1.93
CA GLU B 40 -42.55 3.27 -0.75
C GLU B 40 -43.51 2.26 -0.06
N THR B 41 -44.80 2.37 -0.35
CA THR B 41 -45.78 1.46 0.25
C THR B 41 -46.21 0.33 -0.68
N GLU B 42 -45.68 0.30 -1.90
CA GLU B 42 -46.07 -0.69 -2.91
C GLU B 42 -45.17 -1.92 -2.88
N TYR B 43 -45.18 -2.63 -1.76
CA TYR B 43 -44.37 -3.83 -1.59
C TYR B 43 -44.69 -4.95 -2.59
N ASP B 44 -45.98 -5.22 -2.82
CA ASP B 44 -46.36 -6.32 -3.70
C ASP B 44 -46.05 -6.04 -5.18
N LYS B 45 -46.23 -4.78 -5.59
CA LYS B 45 -45.84 -4.37 -6.92
C LYS B 45 -44.31 -4.52 -7.11
N ARG B 46 -43.53 -4.15 -6.08
CA ARG B 46 -42.07 -4.20 -6.16
C ARG B 46 -41.58 -5.65 -6.28
N THR B 47 -42.21 -6.53 -5.51
CA THR B 47 -41.87 -7.96 -5.50
C THR B 47 -42.10 -8.58 -6.86
N GLY B 48 -43.25 -8.26 -7.46
CA GLY B 48 -43.63 -8.77 -8.78
C GLY B 48 -42.62 -8.34 -9.83
N LEU B 49 -42.24 -7.06 -9.79
CA LEU B 49 -41.34 -6.46 -10.79
C LEU B 49 -39.95 -7.07 -10.71
N LEU B 50 -39.45 -7.24 -9.49
CA LEU B 50 -38.16 -7.88 -9.28
C LEU B 50 -38.14 -9.32 -9.71
N LYS B 51 -39.22 -10.05 -9.42
CA LYS B 51 -39.33 -11.43 -9.85
C LYS B 51 -39.48 -11.59 -11.39
N GLU B 52 -40.01 -10.55 -12.05
CA GLU B 52 -40.01 -10.49 -13.50
C GLU B 52 -38.61 -10.12 -14.05
N LEU B 53 -37.94 -9.16 -13.41
CA LEU B 53 -36.60 -8.66 -13.84
C LEU B 53 -35.45 -9.66 -13.63
N PHE B 54 -35.35 -10.22 -12.43
CA PHE B 54 -34.25 -11.13 -12.09
C PHE B 54 -34.41 -12.54 -12.68
N GLY B 55 -33.28 -13.23 -12.86
CA GLY B 55 -33.23 -14.61 -13.32
C GLY B 55 -33.89 -15.60 -12.37
N SER B 56 -33.57 -15.48 -11.09
CA SER B 56 -34.25 -16.27 -10.04
C SER B 56 -34.23 -15.51 -8.69
N THR B 57 -35.21 -15.84 -7.85
CA THR B 57 -35.28 -15.27 -6.51
C THR B 57 -35.82 -16.33 -5.53
N GLY B 58 -35.72 -16.03 -4.25
CA GLY B 58 -36.45 -16.80 -3.23
C GLY B 58 -37.85 -16.25 -3.08
N GLU B 59 -38.51 -16.59 -1.97
CA GLU B 59 -39.88 -16.14 -1.77
C GLU B 59 -39.97 -14.63 -1.56
N ARG B 60 -39.07 -14.08 -0.74
CA ARG B 60 -39.11 -12.66 -0.33
C ARG B 60 -37.81 -11.95 -0.70
N LEU B 61 -37.96 -10.70 -1.12
CA LEU B 61 -36.83 -9.80 -1.41
C LEU B 61 -37.31 -8.36 -1.41
N PHE B 62 -36.39 -7.45 -1.12
CA PHE B 62 -36.69 -6.01 -1.08
C PHE B 62 -35.46 -5.22 -1.48
N ILE B 63 -35.67 -4.25 -2.38
CA ILE B 63 -34.61 -3.37 -2.82
C ILE B 63 -35.09 -1.92 -2.76
N GLU B 64 -34.33 -1.07 -2.08
CA GLU B 64 -34.63 0.38 -2.05
C GLU B 64 -34.23 1.06 -3.35
N PRO B 65 -35.19 1.70 -4.05
CA PRO B 65 -34.79 2.61 -5.17
C PRO B 65 -33.76 3.65 -4.75
N ASN B 66 -32.87 4.06 -5.67
CA ASN B 66 -32.86 3.61 -7.07
C ASN B 66 -32.05 2.31 -7.18
N PHE B 67 -32.41 1.49 -8.15
CA PHE B 67 -31.61 0.31 -8.49
C PHE B 67 -31.25 0.42 -9.98
N ARG B 68 -30.08 -0.09 -10.35
CA ARG B 68 -29.72 -0.19 -11.79
C ARG B 68 -29.16 -1.57 -12.10
N CYS B 69 -29.48 -2.10 -13.27
CA CYS B 69 -28.78 -3.29 -13.76
C CYS B 69 -28.65 -3.24 -15.29
N ASP B 70 -28.02 -4.26 -15.88
CA ASP B 70 -27.81 -4.32 -17.33
C ASP B 70 -28.80 -5.19 -18.07
N TYR B 71 -29.05 -6.40 -17.52
CA TYR B 71 -29.88 -7.42 -18.19
C TYR B 71 -31.01 -7.93 -17.30
N GLY B 72 -30.75 -7.98 -16.00
CA GLY B 72 -31.78 -8.52 -15.08
C GLY B 72 -31.69 -10.03 -14.99
N TYR B 73 -31.97 -10.72 -16.10
CA TYR B 73 -32.00 -12.20 -16.14
C TYR B 73 -30.74 -12.92 -15.64
N ASN B 74 -29.60 -12.21 -15.63
CA ASN B 74 -28.37 -12.76 -15.06
C ASN B 74 -28.25 -12.64 -13.56
N ILE B 75 -29.23 -12.01 -12.89
CA ILE B 75 -29.18 -11.86 -11.44
C ILE B 75 -30.05 -12.94 -10.79
N HIS B 76 -29.45 -13.65 -9.83
CA HIS B 76 -30.07 -14.76 -9.11
C HIS B 76 -29.80 -14.54 -7.61
N VAL B 77 -30.87 -14.36 -6.82
CA VAL B 77 -30.67 -14.07 -5.40
C VAL B 77 -31.39 -15.12 -4.56
N GLY B 78 -30.90 -15.35 -3.36
CA GLY B 78 -31.52 -16.36 -2.48
C GLY B 78 -32.58 -15.77 -1.57
N GLU B 79 -32.95 -16.51 -0.54
CA GLU B 79 -34.03 -16.09 0.34
C GLU B 79 -33.70 -14.81 1.08
N ASN B 80 -34.77 -14.04 1.35
CA ASN B 80 -34.70 -12.83 2.17
C ASN B 80 -33.59 -11.90 1.70
N PHE B 81 -33.56 -11.65 0.39
CA PHE B 81 -32.55 -10.76 -0.17
C PHE B 81 -32.91 -9.31 0.14
N PHE B 82 -31.94 -8.57 0.67
CA PHE B 82 -32.08 -7.11 0.92
C PHE B 82 -30.97 -6.28 0.29
N MET B 83 -31.31 -5.20 -0.42
CA MET B 83 -30.34 -4.25 -0.96
C MET B 83 -30.86 -2.83 -0.73
N ASN B 84 -30.07 -2.04 -0.04
CA ASN B 84 -30.41 -0.67 0.31
C ASN B 84 -30.23 0.29 -0.89
N PHE B 85 -30.39 1.60 -0.63
CA PHE B 85 -30.59 2.61 -1.69
C PHE B 85 -29.47 2.62 -2.69
N ASP B 86 -29.81 2.81 -3.97
CA ASP B 86 -28.83 3.31 -4.95
C ASP B 86 -27.73 2.30 -5.33
N GLY B 87 -28.15 1.06 -5.46
CA GLY B 87 -27.28 -0.04 -5.89
C GLY B 87 -27.17 -0.20 -7.40
N VAL B 88 -26.04 -0.74 -7.84
CA VAL B 88 -25.80 -0.96 -9.25
C VAL B 88 -25.26 -2.38 -9.42
N ILE B 89 -25.86 -3.16 -10.32
CA ILE B 89 -25.37 -4.52 -10.58
C ILE B 89 -25.23 -4.65 -12.09
N LEU B 90 -23.99 -4.68 -12.56
CA LEU B 90 -23.74 -4.81 -14.01
C LEU B 90 -23.61 -6.31 -14.31
N ASP B 91 -24.72 -6.91 -14.75
CA ASP B 91 -24.88 -8.37 -14.91
C ASP B 91 -24.77 -8.80 -16.34
N VAL B 92 -23.63 -8.46 -16.96
CA VAL B 92 -23.24 -8.98 -18.27
C VAL B 92 -23.05 -10.51 -18.18
N CYS B 93 -22.42 -10.96 -17.10
CA CYS B 93 -22.40 -12.37 -16.78
C CYS B 93 -23.18 -12.58 -15.49
N GLU B 94 -23.27 -13.84 -15.10
CA GLU B 94 -24.14 -14.22 -13.95
C GLU B 94 -23.65 -13.60 -12.65
N VAL B 95 -24.62 -13.16 -11.85
CA VAL B 95 -24.35 -12.68 -10.50
C VAL B 95 -25.22 -13.58 -9.64
N ARG B 96 -24.57 -14.44 -8.86
CA ARG B 96 -25.32 -15.38 -8.06
C ARG B 96 -25.09 -15.05 -6.61
N ILE B 97 -26.18 -14.87 -5.87
CA ILE B 97 -26.12 -14.46 -4.48
C ILE B 97 -26.99 -15.42 -3.65
N GLY B 98 -26.46 -15.84 -2.51
CA GLY B 98 -27.16 -16.84 -1.67
C GLY B 98 -28.15 -16.18 -0.71
N ASP B 99 -28.56 -16.94 0.30
CA ASP B 99 -29.66 -16.58 1.18
C ASP B 99 -29.24 -15.57 2.24
N HIS B 100 -30.20 -14.80 2.74
CA HIS B 100 -29.98 -13.83 3.84
C HIS B 100 -28.84 -12.84 3.57
N CYS B 101 -28.78 -12.31 2.35
CA CYS B 101 -27.74 -11.32 2.05
C CYS B 101 -28.23 -9.94 2.51
N PHE B 102 -27.40 -9.20 3.23
CA PHE B 102 -27.64 -7.77 3.52
C PHE B 102 -26.68 -6.91 2.72
N ILE B 103 -27.21 -6.08 1.82
CA ILE B 103 -26.36 -5.20 1.02
C ILE B 103 -26.71 -3.76 1.36
N GLY B 104 -25.70 -3.01 1.80
CA GLY B 104 -25.82 -1.58 2.14
C GLY B 104 -26.12 -0.70 0.94
N PRO B 105 -26.23 0.63 1.16
CA PRO B 105 -26.54 1.55 0.07
C PRO B 105 -25.32 1.86 -0.80
N GLY B 106 -25.57 2.28 -2.05
CA GLY B 106 -24.47 2.65 -2.96
C GLY B 106 -23.49 1.53 -3.25
N VAL B 107 -23.95 0.29 -3.13
CA VAL B 107 -23.12 -0.88 -3.44
C VAL B 107 -23.10 -1.13 -4.94
N HIS B 108 -21.91 -1.36 -5.50
CA HIS B 108 -21.76 -1.69 -6.92
C HIS B 108 -21.14 -3.06 -7.06
N ILE B 109 -21.79 -3.89 -7.84
CA ILE B 109 -21.30 -5.25 -8.13
C ILE B 109 -21.13 -5.31 -9.65
N TYR B 110 -19.90 -5.59 -10.11
CA TYR B 110 -19.60 -5.55 -11.55
C TYR B 110 -19.24 -6.92 -12.07
N THR B 111 -19.80 -7.27 -13.21
CA THR B 111 -19.22 -8.40 -13.98
C THR B 111 -18.60 -7.87 -15.28
N ALA B 112 -18.98 -6.66 -15.68
CA ALA B 112 -18.54 -6.07 -16.98
C ALA B 112 -17.11 -5.62 -16.87
N THR B 113 -16.32 -5.89 -17.92
CA THR B 113 -14.93 -5.44 -17.94
C THR B 113 -14.44 -5.20 -19.38
N HIS B 114 -13.29 -4.54 -19.50
CA HIS B 114 -12.64 -4.23 -20.79
C HIS B 114 -11.25 -4.84 -20.84
N PRO B 115 -10.76 -5.11 -22.06
CA PRO B 115 -9.35 -5.46 -22.16
C PRO B 115 -8.46 -4.34 -21.57
N LEU B 116 -7.47 -4.71 -20.77
CA LEU B 116 -6.51 -3.75 -20.22
C LEU B 116 -5.56 -3.25 -21.31
N ASP B 117 -5.16 -4.16 -22.20
CA ASP B 117 -4.30 -3.79 -23.33
C ASP B 117 -4.93 -2.66 -24.16
N PRO B 118 -4.22 -1.54 -24.33
CA PRO B 118 -4.84 -0.38 -25.01
C PRO B 118 -5.29 -0.63 -26.43
N HIS B 119 -4.55 -1.46 -27.19
CA HIS B 119 -5.00 -1.80 -28.55
C HIS B 119 -6.32 -2.58 -28.51
N GLU B 120 -6.35 -3.68 -27.77
CA GLU B 120 -7.54 -4.52 -27.65
C GLU B 120 -8.79 -3.74 -27.18
N ARG B 121 -8.61 -2.86 -26.21
CA ARG B 121 -9.75 -2.12 -25.66
C ARG B 121 -10.37 -1.18 -26.70
N ASN B 122 -9.50 -0.62 -27.55
CA ASN B 122 -9.91 0.32 -28.57
C ASN B 122 -10.73 -0.36 -29.68
N SER B 123 -10.78 -1.70 -29.66
CA SER B 123 -11.74 -2.44 -30.50
C SER B 123 -13.18 -2.09 -30.16
N GLY B 124 -13.41 -1.60 -28.94
CA GLY B 124 -14.79 -1.41 -28.51
C GLY B 124 -15.49 -2.66 -27.97
N LEU B 125 -14.86 -3.83 -28.08
CA LEU B 125 -15.44 -5.07 -27.61
C LEU B 125 -15.17 -5.21 -26.11
N GLU B 126 -16.09 -5.86 -25.39
CA GLU B 126 -15.95 -6.06 -23.96
C GLU B 126 -16.13 -7.52 -23.61
N TYR B 127 -15.92 -7.84 -22.35
CA TYR B 127 -16.31 -9.15 -21.86
C TYR B 127 -16.83 -9.04 -20.39
N GLY B 128 -17.02 -10.20 -19.79
CA GLY B 128 -17.46 -10.25 -18.40
C GLY B 128 -16.94 -11.46 -17.68
N LYS B 129 -17.01 -11.36 -16.35
CA LYS B 129 -16.62 -12.48 -15.49
C LYS B 129 -17.65 -12.53 -14.37
N PRO B 130 -18.21 -13.72 -14.09
CA PRO B 130 -19.29 -13.84 -13.10
C PRO B 130 -18.85 -13.49 -11.66
N VAL B 131 -19.85 -13.18 -10.84
CA VAL B 131 -19.64 -12.87 -9.43
C VAL B 131 -20.52 -13.87 -8.64
N VAL B 132 -19.96 -14.42 -7.58
CA VAL B 132 -20.64 -15.41 -6.77
C VAL B 132 -20.52 -14.96 -5.33
N ILE B 133 -21.65 -14.89 -4.62
CA ILE B 133 -21.68 -14.40 -3.25
C ILE B 133 -22.40 -15.45 -2.43
N GLY B 134 -21.77 -15.89 -1.34
CA GLY B 134 -22.28 -16.96 -0.49
C GLY B 134 -23.54 -16.66 0.32
N HIS B 135 -23.83 -17.55 1.27
CA HIS B 135 -24.97 -17.39 2.17
C HIS B 135 -24.56 -16.57 3.41
N ASN B 136 -25.51 -15.84 4.01
CA ASN B 136 -25.24 -15.08 5.23
C ASN B 136 -24.15 -14.01 5.10
N VAL B 137 -24.08 -13.36 3.94
CA VAL B 137 -23.04 -12.35 3.70
C VAL B 137 -23.58 -10.94 3.96
N TRP B 138 -22.77 -10.10 4.58
CA TRP B 138 -23.11 -8.70 4.78
C TRP B 138 -22.17 -7.87 3.90
N ILE B 139 -22.73 -7.16 2.93
CA ILE B 139 -21.90 -6.26 2.11
C ILE B 139 -22.18 -4.82 2.55
N GLY B 140 -21.18 -4.21 3.20
CA GLY B 140 -21.29 -2.84 3.74
C GLY B 140 -21.58 -1.82 2.64
N GLY B 141 -22.21 -0.72 3.02
CA GLY B 141 -22.55 0.31 2.03
C GLY B 141 -21.31 0.81 1.27
N ARG B 142 -21.48 1.16 0.01
CA ARG B 142 -20.40 1.76 -0.79
C ARG B 142 -19.25 0.83 -1.15
N ALA B 143 -19.43 -0.45 -0.86
CA ALA B 143 -18.45 -1.47 -1.26
C ALA B 143 -18.51 -1.63 -2.78
N VAL B 144 -17.37 -2.06 -3.36
CA VAL B 144 -17.28 -2.36 -4.78
C VAL B 144 -16.86 -3.81 -4.90
N ILE B 145 -17.62 -4.60 -5.66
CA ILE B 145 -17.28 -6.03 -5.89
C ILE B 145 -16.92 -6.16 -7.36
N ASN B 146 -15.67 -6.54 -7.62
CA ASN B 146 -15.17 -6.62 -8.99
C ASN B 146 -15.48 -7.93 -9.74
N PRO B 147 -15.37 -7.90 -11.09
CA PRO B 147 -15.69 -9.12 -11.85
C PRO B 147 -14.85 -10.33 -11.47
N GLY B 148 -15.47 -11.50 -11.49
CA GLY B 148 -14.79 -12.77 -11.21
C GLY B 148 -14.50 -13.06 -9.76
N VAL B 149 -15.05 -12.24 -8.87
CA VAL B 149 -14.82 -12.41 -7.42
C VAL B 149 -15.85 -13.38 -6.86
N THR B 150 -15.40 -14.25 -5.95
CA THR B 150 -16.32 -15.10 -5.21
C THR B 150 -16.16 -14.76 -3.74
N ILE B 151 -17.29 -14.66 -3.04
CA ILE B 151 -17.29 -14.33 -1.61
C ILE B 151 -17.95 -15.53 -0.88
N GLY B 152 -17.22 -16.04 0.10
CA GLY B 152 -17.61 -17.25 0.83
C GLY B 152 -18.73 -16.94 1.81
N ASP B 153 -19.32 -18.02 2.32
CA ASP B 153 -20.42 -17.95 3.28
C ASP B 153 -19.99 -17.21 4.53
N ASN B 154 -20.93 -16.47 5.11
CA ASN B 154 -20.72 -15.73 6.35
C ASN B 154 -19.71 -14.59 6.30
N ALA B 155 -19.18 -14.27 5.11
CA ALA B 155 -18.25 -13.19 5.03
C ALA B 155 -18.91 -11.81 5.25
N VAL B 156 -18.08 -10.86 5.67
CA VAL B 156 -18.45 -9.44 5.88
C VAL B 156 -17.50 -8.56 5.08
N ILE B 157 -18.10 -7.73 4.22
CA ILE B 157 -17.35 -6.76 3.44
C ILE B 157 -17.55 -5.41 4.14
N ALA B 158 -16.48 -4.80 4.63
CA ALA B 158 -16.57 -3.51 5.35
C ALA B 158 -17.12 -2.47 4.39
N SER B 159 -17.86 -1.49 4.92
CA SER B 159 -18.27 -0.37 4.09
C SER B 159 -17.07 0.23 3.33
N GLY B 160 -17.31 0.60 2.07
CA GLY B 160 -16.28 1.23 1.26
C GLY B 160 -15.18 0.30 0.74
N ALA B 161 -15.26 -1.00 1.04
CA ALA B 161 -14.21 -1.91 0.63
C ALA B 161 -14.27 -2.10 -0.88
N VAL B 162 -13.08 -2.07 -1.50
CA VAL B 162 -12.97 -2.39 -2.94
C VAL B 162 -12.39 -3.80 -3.11
N VAL B 163 -13.26 -4.75 -3.45
CA VAL B 163 -12.91 -6.15 -3.41
C VAL B 163 -12.41 -6.59 -4.80
N THR B 164 -11.12 -6.95 -4.87
CA THR B 164 -10.48 -7.29 -6.16
C THR B 164 -10.18 -8.78 -6.32
N LYS B 165 -10.27 -9.50 -5.20
CA LYS B 165 -9.97 -10.93 -5.22
C LYS B 165 -10.93 -11.68 -4.29
N ASP B 166 -10.86 -13.00 -4.31
CA ASP B 166 -11.86 -13.84 -3.63
C ASP B 166 -11.85 -13.54 -2.11
N VAL B 167 -12.99 -13.61 -1.45
CA VAL B 167 -13.01 -13.37 -0.01
C VAL B 167 -13.38 -14.71 0.63
N PRO B 168 -12.53 -15.22 1.55
CA PRO B 168 -12.80 -16.53 2.18
C PRO B 168 -14.07 -16.55 3.03
N ALA B 169 -14.70 -17.70 3.12
CA ALA B 169 -15.82 -17.86 4.08
C ALA B 169 -15.36 -17.40 5.47
N ASN B 170 -16.27 -16.79 6.24
CA ASN B 170 -15.95 -16.36 7.62
C ASN B 170 -14.87 -15.29 7.80
N ALA B 171 -14.56 -14.55 6.72
CA ALA B 171 -13.61 -13.44 6.81
C ALA B 171 -14.33 -12.08 6.81
N VAL B 172 -13.79 -11.12 7.53
CA VAL B 172 -14.16 -9.71 7.37
C VAL B 172 -13.06 -9.08 6.51
N VAL B 173 -13.45 -8.43 5.41
CA VAL B 173 -12.44 -7.69 4.63
C VAL B 173 -12.74 -6.19 4.54
N GLY B 174 -11.69 -5.37 4.41
CA GLY B 174 -11.85 -3.91 4.33
C GLY B 174 -10.65 -3.29 3.63
N GLY B 175 -10.85 -2.07 3.12
CA GLY B 175 -9.78 -1.28 2.51
C GLY B 175 -9.87 -1.29 0.99
N ASN B 176 -8.87 -0.72 0.33
CA ASN B 176 -8.83 -0.66 -1.13
C ASN B 176 -7.38 -0.82 -1.69
N PRO B 177 -7.01 -2.03 -2.20
CA PRO B 177 -7.78 -3.24 -2.31
C PRO B 177 -8.08 -3.86 -0.96
N ALA B 178 -9.26 -4.46 -0.84
CA ALA B 178 -9.71 -5.08 0.41
C ALA B 178 -8.76 -6.20 0.81
N LYS B 179 -8.55 -6.33 2.12
CA LYS B 179 -7.76 -7.44 2.69
C LYS B 179 -8.51 -8.00 3.90
N VAL B 180 -8.17 -9.22 4.29
CA VAL B 180 -8.80 -9.80 5.50
C VAL B 180 -8.35 -8.99 6.72
N ILE B 181 -9.32 -8.47 7.47
CA ILE B 181 -9.00 -7.70 8.68
C ILE B 181 -9.40 -8.49 9.95
N LYS B 182 -10.25 -9.50 9.77
CA LYS B 182 -10.78 -10.24 10.92
C LYS B 182 -11.23 -11.59 10.48
N TRP B 183 -11.08 -12.57 11.38
CA TRP B 183 -11.64 -13.91 11.15
C TRP B 183 -12.77 -14.13 12.13
N LEU B 184 -13.90 -14.62 11.64
CA LEU B 184 -15.07 -14.86 12.48
C LEU B 184 -15.03 -16.30 13.06
N LYS B 185 -14.92 -17.29 12.16
CA LYS B 185 -14.49 -18.66 12.51
C LYS B 185 -12.96 -18.81 12.35
N LYS C 2 -39.14 -2.42 26.64
CA LYS C 2 -39.18 -1.18 25.81
C LYS C 2 -39.60 -1.51 24.38
N SER C 3 -40.11 -0.50 23.66
CA SER C 3 -40.58 -0.73 22.29
C SER C 3 -39.34 -0.90 21.41
N GLU C 4 -39.52 -1.45 20.21
CA GLU C 4 -38.41 -1.56 19.27
C GLU C 4 -37.81 -0.19 18.95
N LYS C 5 -38.67 0.82 18.82
CA LYS C 5 -38.20 2.19 18.58
C LYS C 5 -37.34 2.70 19.72
N GLU C 6 -37.76 2.49 20.97
CA GLU C 6 -36.93 2.88 22.11
C GLU C 6 -35.54 2.19 22.09
N LYS C 7 -35.51 0.88 21.80
CA LYS C 7 -34.25 0.13 21.70
C LYS C 7 -33.39 0.70 20.55
N MET C 8 -34.00 0.90 19.39
CA MET C 8 -33.27 1.47 18.25
C MET C 8 -32.57 2.76 18.64
N LEU C 9 -33.33 3.70 19.19
CA LEU C 9 -32.78 5.01 19.51
C LEU C 9 -31.68 4.98 20.56
N ALA C 10 -31.75 3.99 21.45
CA ALA C 10 -30.78 3.84 22.54
C ALA C 10 -29.50 3.08 22.16
N GLY C 11 -29.43 2.63 20.91
CA GLY C 11 -28.29 1.85 20.44
C GLY C 11 -28.33 0.36 20.73
N HIS C 12 -29.48 -0.14 21.18
CA HIS C 12 -29.67 -1.58 21.39
C HIS C 12 -30.16 -2.33 20.16
N LEU C 13 -30.02 -3.65 20.18
CA LEU C 13 -30.61 -4.51 19.14
C LEU C 13 -32.11 -4.30 19.09
N TYR C 14 -32.65 -4.19 17.87
CA TYR C 14 -34.07 -3.93 17.67
C TYR C 14 -34.48 -4.62 16.37
N ASN C 15 -35.79 -4.84 16.22
CA ASN C 15 -36.38 -5.42 15.02
C ASN C 15 -36.96 -4.31 14.15
N PRO C 16 -36.33 -4.04 12.99
CA PRO C 16 -36.84 -3.07 12.00
C PRO C 16 -38.24 -3.35 11.46
N ALA C 17 -38.69 -4.60 11.54
CA ALA C 17 -39.99 -5.00 11.00
C ALA C 17 -41.15 -4.60 11.92
N ASP C 18 -40.79 -4.07 13.09
CA ASP C 18 -41.73 -3.47 14.02
C ASP C 18 -42.66 -2.50 13.30
N LEU C 19 -43.97 -2.61 13.56
CA LEU C 19 -45.00 -1.83 12.82
C LEU C 19 -44.85 -0.31 12.91
N GLU C 20 -44.52 0.20 14.10
CA GLU C 20 -44.32 1.62 14.31
C GLU C 20 -43.08 2.15 13.55
N LEU C 21 -42.01 1.35 13.55
CA LEU C 21 -40.78 1.72 12.83
C LEU C 21 -41.01 1.71 11.33
N VAL C 22 -41.75 0.71 10.85
CA VAL C 22 -42.10 0.59 9.42
C VAL C 22 -42.89 1.81 8.94
N LYS C 23 -43.90 2.22 9.70
CA LYS C 23 -44.70 3.43 9.37
C LYS C 23 -43.85 4.73 9.32
N GLU C 24 -42.96 4.89 10.29
CA GLU C 24 -42.03 6.00 10.31
C GLU C 24 -41.07 5.96 9.11
N ARG C 25 -40.64 4.76 8.69
CA ARG C 25 -39.77 4.68 7.48
C ARG C 25 -40.53 5.09 6.20
N GLU C 26 -41.77 4.61 6.08
CA GLU C 26 -42.68 4.99 4.97
C GLU C 26 -42.91 6.50 4.91
N ARG C 27 -43.12 7.14 6.08
CA ARG C 27 -43.24 8.60 6.16
C ARG C 27 -41.97 9.40 5.74
N ALA C 28 -40.79 8.95 6.17
CA ALA C 28 -39.53 9.55 5.71
C ALA C 28 -39.42 9.42 4.20
N ARG C 29 -39.67 8.19 3.68
CA ARG C 29 -39.59 7.90 2.23
C ARG C 29 -40.57 8.75 1.40
N ARG C 30 -41.75 8.98 1.96
CA ARG C 30 -42.72 9.88 1.36
C ARG C 30 -42.20 11.30 1.24
N LEU C 31 -41.63 11.86 2.32
CA LEU C 31 -41.11 13.22 2.28
C LEU C 31 -39.88 13.38 1.38
N VAL C 32 -39.05 12.34 1.41
CA VAL C 32 -37.86 12.26 0.53
C VAL C 32 -38.28 12.23 -0.96
N ARG C 33 -39.33 11.49 -1.28
CA ARG C 33 -39.86 11.40 -2.66
C ARG C 33 -40.38 12.76 -3.13
N LEU C 34 -41.10 13.44 -2.25
CA LEU C 34 -41.60 14.77 -2.59
C LEU C 34 -40.43 15.73 -2.79
N TYR C 35 -39.41 15.62 -1.92
CA TYR C 35 -38.19 16.43 -2.02
C TYR C 35 -37.49 16.17 -3.36
N ASN C 36 -37.32 14.90 -3.71
CA ASN C 36 -36.48 14.55 -4.85
C ASN C 36 -37.13 14.94 -6.17
N GLU C 37 -38.42 15.23 -6.11
CA GLU C 37 -39.23 15.59 -7.28
C GLU C 37 -39.31 17.11 -7.48
N THR C 38 -38.82 17.88 -6.48
CA THR C 38 -38.83 19.37 -6.55
C THR C 38 -37.94 19.88 -7.67
N LEU C 39 -38.42 20.87 -8.42
CA LEU C 39 -37.56 21.53 -9.42
C LEU C 39 -36.41 22.33 -8.82
N GLU C 40 -35.36 22.51 -9.63
CA GLU C 40 -34.15 23.20 -9.23
C GLU C 40 -34.32 24.64 -8.75
N THR C 41 -35.43 25.28 -9.12
CA THR C 41 -35.71 26.65 -8.65
C THR C 41 -36.67 26.74 -7.45
N GLU C 42 -37.10 25.60 -6.91
CA GLU C 42 -38.07 25.60 -5.80
C GLU C 42 -37.42 25.63 -4.41
N TYR C 43 -36.64 26.68 -4.16
CA TYR C 43 -35.79 26.75 -2.96
C TYR C 43 -36.61 26.77 -1.66
N ASP C 44 -37.62 27.64 -1.62
CA ASP C 44 -38.46 27.74 -0.43
C ASP C 44 -39.18 26.44 -0.08
N LYS C 45 -39.75 25.80 -1.11
CA LYS C 45 -40.41 24.52 -0.99
C LYS C 45 -39.44 23.43 -0.50
N ARG C 46 -38.19 23.47 -0.98
CA ARG C 46 -37.15 22.53 -0.50
C ARG C 46 -36.83 22.74 0.99
N THR C 47 -36.60 23.99 1.35
CA THR C 47 -36.33 24.36 2.74
C THR C 47 -37.46 23.85 3.65
N GLY C 48 -38.70 24.13 3.24
CA GLY C 48 -39.90 23.67 3.97
C GLY C 48 -39.93 22.15 4.19
N LEU C 49 -39.74 21.39 3.11
CA LEU C 49 -39.65 19.94 3.17
C LEU C 49 -38.58 19.40 4.10
N LEU C 50 -37.38 19.99 4.04
CA LEU C 50 -36.26 19.56 4.89
C LEU C 50 -36.53 19.86 6.37
N LYS C 51 -37.11 21.02 6.67
CA LYS C 51 -37.43 21.34 8.07
C LYS C 51 -38.51 20.41 8.65
N GLU C 52 -39.36 19.85 7.80
CA GLU C 52 -40.39 18.89 8.20
C GLU C 52 -39.78 17.48 8.37
N LEU C 53 -38.88 17.12 7.45
CA LEU C 53 -38.14 15.85 7.53
C LEU C 53 -37.18 15.72 8.72
N PHE C 54 -36.30 16.70 8.88
CA PHE C 54 -35.19 16.61 9.84
C PHE C 54 -35.65 16.90 11.26
N GLY C 55 -34.93 16.36 12.24
CA GLY C 55 -35.22 16.58 13.65
C GLY C 55 -35.04 18.03 14.03
N SER C 56 -33.95 18.64 13.57
CA SER C 56 -33.70 20.08 13.74
C SER C 56 -32.76 20.66 12.68
N THR C 57 -32.87 21.97 12.46
CA THR C 57 -32.06 22.68 11.46
C THR C 57 -31.70 24.08 11.96
N GLY C 58 -30.76 24.73 11.27
CA GLY C 58 -30.58 26.15 11.41
C GLY C 58 -31.56 26.93 10.53
N GLU C 59 -31.33 28.23 10.38
CA GLU C 59 -32.23 29.03 9.51
C GLU C 59 -32.21 28.58 8.05
N ARG C 60 -31.03 28.28 7.53
CA ARG C 60 -31.01 27.83 6.14
C ARG C 60 -30.20 26.60 5.91
N LEU C 61 -30.61 25.88 4.87
CA LEU C 61 -29.91 24.65 4.46
C LEU C 61 -30.27 24.35 3.02
N PHE C 62 -29.35 23.68 2.32
CA PHE C 62 -29.61 23.34 0.93
C PHE C 62 -29.09 21.95 0.61
N ILE C 63 -29.89 21.12 -0.05
CA ILE C 63 -29.44 19.77 -0.46
C ILE C 63 -29.86 19.48 -1.87
N GLU C 64 -28.88 19.09 -2.70
CA GLU C 64 -29.16 18.66 -4.07
C GLU C 64 -29.75 17.25 -4.10
N PRO C 65 -30.89 17.07 -4.78
CA PRO C 65 -31.39 15.75 -5.11
C PRO C 65 -30.36 14.95 -5.94
N ASN C 66 -30.29 13.62 -5.76
CA ASN C 66 -31.18 12.89 -4.86
C ASN C 66 -30.64 12.83 -3.43
N PHE C 67 -31.54 12.73 -2.49
CA PHE C 67 -31.18 12.53 -1.11
C PHE C 67 -31.93 11.29 -0.59
N ARG C 68 -31.31 10.58 0.36
CA ARG C 68 -31.96 9.40 0.97
C ARG C 68 -31.69 9.43 2.46
N CYS C 69 -32.68 9.00 3.23
CA CYS C 69 -32.45 8.78 4.65
C CYS C 69 -33.43 7.71 5.14
N ASP C 70 -33.28 7.30 6.40
CA ASP C 70 -34.15 6.26 6.94
C ASP C 70 -35.37 6.75 7.72
N TYR C 71 -35.16 7.68 8.64
CA TYR C 71 -36.19 8.22 9.53
C TYR C 71 -36.46 9.72 9.43
N GLY C 72 -35.40 10.50 9.16
CA GLY C 72 -35.47 11.97 9.03
C GLY C 72 -35.27 12.69 10.37
N TYR C 73 -36.14 12.35 11.32
CA TYR C 73 -36.14 13.00 12.64
C TYR C 73 -34.90 12.80 13.51
N ASN C 74 -34.03 11.85 13.16
CA ASN C 74 -32.73 11.67 13.82
C ASN C 74 -31.61 12.52 13.24
N ILE C 75 -31.90 13.26 12.18
CA ILE C 75 -30.90 14.19 11.60
C ILE C 75 -31.11 15.60 12.15
N HIS C 76 -30.02 16.12 12.73
CA HIS C 76 -29.93 17.45 13.31
C HIS C 76 -28.74 18.18 12.69
N VAL C 77 -29.01 19.26 11.95
CA VAL C 77 -27.95 20.01 11.29
C VAL C 77 -27.92 21.45 11.78
N GLY C 78 -26.73 22.03 11.76
CA GLY C 78 -26.44 23.41 12.22
C GLY C 78 -26.67 24.41 11.11
N GLU C 79 -26.24 25.64 11.37
CA GLU C 79 -26.47 26.74 10.46
C GLU C 79 -25.79 26.50 9.11
N ASN C 80 -26.47 26.91 8.05
CA ASN C 80 -25.90 26.97 6.71
C ASN C 80 -25.38 25.62 6.26
N PHE C 81 -26.23 24.62 6.41
CA PHE C 81 -25.89 23.26 5.99
C PHE C 81 -26.01 23.10 4.49
N PHE C 82 -24.98 22.49 3.89
CA PHE C 82 -24.99 22.17 2.47
C PHE C 82 -24.56 20.72 2.26
N MET C 83 -25.35 20.01 1.46
CA MET C 83 -25.00 18.66 0.99
C MET C 83 -25.25 18.55 -0.54
N ASN C 84 -24.20 18.23 -1.27
CA ASN C 84 -24.29 18.06 -2.73
C ASN C 84 -25.02 16.75 -3.22
N PHE C 85 -25.05 16.51 -4.56
CA PHE C 85 -25.90 15.50 -5.15
C PHE C 85 -25.74 14.12 -4.53
N ASP C 86 -26.85 13.39 -4.44
CA ASP C 86 -26.86 11.92 -4.25
C ASP C 86 -26.25 11.50 -2.93
N GLY C 87 -26.69 12.11 -1.85
CA GLY C 87 -26.21 11.69 -0.53
C GLY C 87 -27.17 10.71 0.12
N VAL C 88 -26.66 10.07 1.18
CA VAL C 88 -27.44 9.03 1.88
C VAL C 88 -27.05 9.15 3.35
N ILE C 89 -28.06 9.22 4.23
CA ILE C 89 -27.83 9.34 5.69
C ILE C 89 -28.74 8.28 6.33
N LEU C 90 -28.14 7.18 6.78
CA LEU C 90 -28.92 6.13 7.42
C LEU C 90 -28.98 6.48 8.89
N ASP C 91 -30.05 7.19 9.27
CA ASP C 91 -30.16 7.79 10.60
C ASP C 91 -31.08 6.95 11.51
N VAL C 92 -30.71 5.69 11.67
CA VAL C 92 -31.33 4.78 12.67
C VAL C 92 -31.13 5.32 14.11
N CYS C 93 -29.94 5.83 14.41
CA CYS C 93 -29.67 6.68 15.57
C CYS C 93 -29.41 8.11 15.12
N GLU C 94 -29.18 8.99 16.10
CA GLU C 94 -28.91 10.41 15.83
C GLU C 94 -27.70 10.69 14.99
N VAL C 95 -27.91 11.54 14.00
CA VAL C 95 -26.84 12.21 13.26
C VAL C 95 -26.88 13.69 13.56
N ARG C 96 -25.87 14.16 14.28
CA ARG C 96 -25.80 15.56 14.71
C ARG C 96 -24.62 16.25 14.04
N ILE C 97 -24.93 17.29 13.28
CA ILE C 97 -23.93 18.01 12.47
C ILE C 97 -23.94 19.49 12.89
N GLY C 98 -22.74 20.05 13.06
CA GLY C 98 -22.53 21.45 13.43
C GLY C 98 -22.80 22.48 12.33
N ASP C 99 -22.38 23.72 12.61
CA ASP C 99 -22.64 24.86 11.72
C ASP C 99 -21.64 24.86 10.56
N HIS C 100 -22.05 25.44 9.42
CA HIS C 100 -21.16 25.61 8.25
C HIS C 100 -20.56 24.30 7.74
N CYS C 101 -21.37 23.25 7.71
CA CYS C 101 -20.91 21.98 7.11
C CYS C 101 -21.00 22.05 5.58
N PHE C 102 -19.92 21.66 4.90
CA PHE C 102 -19.95 21.50 3.45
C PHE C 102 -19.76 20.02 3.16
N ILE C 103 -20.78 19.38 2.58
CA ILE C 103 -20.71 17.94 2.26
C ILE C 103 -20.76 17.78 0.74
N GLY C 104 -19.80 17.07 0.17
CA GLY C 104 -19.79 16.89 -1.30
C GLY C 104 -20.76 15.86 -1.81
N PRO C 105 -20.68 15.57 -3.11
CA PRO C 105 -21.63 14.66 -3.68
C PRO C 105 -21.33 13.20 -3.35
N GLY C 106 -22.36 12.37 -3.36
CA GLY C 106 -22.24 10.91 -3.13
C GLY C 106 -21.68 10.54 -1.78
N VAL C 107 -21.83 11.43 -0.80
CA VAL C 107 -21.38 11.18 0.57
C VAL C 107 -22.37 10.29 1.30
N HIS C 108 -21.85 9.28 2.03
CA HIS C 108 -22.75 8.37 2.75
C HIS C 108 -22.36 8.52 4.24
N ILE C 109 -23.35 8.74 5.11
CA ILE C 109 -23.12 8.81 6.56
C ILE C 109 -24.04 7.73 7.15
N TYR C 110 -23.46 6.78 7.90
CA TYR C 110 -24.19 5.61 8.44
C TYR C 110 -24.18 5.59 9.94
N THR C 111 -25.35 5.35 10.52
CA THR C 111 -25.46 4.96 11.94
C THR C 111 -25.90 3.48 12.05
N ALA C 112 -26.47 2.93 10.97
CA ALA C 112 -27.06 1.58 10.90
C ALA C 112 -25.96 0.53 10.76
N THR C 113 -26.10 -0.56 11.54
CA THR C 113 -25.09 -1.61 11.53
C THR C 113 -25.73 -2.98 11.84
N HIS C 114 -24.97 -4.04 11.60
CA HIS C 114 -25.38 -5.42 11.95
C HIS C 114 -24.34 -6.07 12.87
N PRO C 115 -24.75 -7.11 13.62
CA PRO C 115 -23.76 -7.96 14.27
C PRO C 115 -22.85 -8.60 13.21
N LEU C 116 -21.58 -8.78 13.56
CA LEU C 116 -20.61 -9.52 12.72
C LEU C 116 -20.89 -11.04 12.70
N ASP C 117 -21.22 -11.63 13.87
CA ASP C 117 -21.58 -13.07 13.91
C ASP C 117 -22.77 -13.37 13.00
N PRO C 118 -22.66 -14.40 12.13
CA PRO C 118 -23.77 -14.66 11.18
C PRO C 118 -25.10 -15.09 11.81
N HIS C 119 -25.05 -15.85 12.91
CA HIS C 119 -26.31 -16.23 13.58
C HIS C 119 -26.98 -15.02 14.20
N GLU C 120 -26.18 -14.18 14.86
CA GLU C 120 -26.65 -12.91 15.43
C GLU C 120 -27.21 -11.98 14.34
N ARG C 121 -26.49 -11.88 13.23
CA ARG C 121 -26.99 -11.10 12.08
C ARG C 121 -28.26 -11.67 11.46
N ASN C 122 -28.34 -12.99 11.32
CA ASN C 122 -29.57 -13.58 10.72
C ASN C 122 -30.81 -13.56 11.61
N SER C 123 -30.63 -13.25 12.87
CA SER C 123 -31.76 -13.03 13.76
C SER C 123 -32.66 -11.95 13.16
N GLY C 124 -32.06 -11.04 12.40
CA GLY C 124 -32.79 -9.95 11.76
C GLY C 124 -32.85 -8.77 12.73
N LEU C 125 -32.12 -8.87 13.83
CA LEU C 125 -31.97 -7.75 14.73
C LEU C 125 -30.79 -6.91 14.27
N GLU C 126 -30.97 -5.57 14.30
CA GLU C 126 -29.89 -4.65 13.97
C GLU C 126 -29.72 -3.68 15.10
N TYR C 127 -28.77 -2.75 14.96
CA TYR C 127 -28.65 -1.66 15.90
C TYR C 127 -28.02 -0.49 15.17
N GLY C 128 -27.66 0.54 15.94
CA GLY C 128 -27.04 1.76 15.40
C GLY C 128 -26.07 2.38 16.38
N LYS C 129 -25.18 3.24 15.89
CA LYS C 129 -24.29 4.00 16.74
C LYS C 129 -24.35 5.39 16.13
N PRO C 130 -24.63 6.42 16.97
CA PRO C 130 -24.76 7.80 16.50
C PRO C 130 -23.50 8.35 15.84
N VAL C 131 -23.68 9.33 15.00
CA VAL C 131 -22.57 10.03 14.37
C VAL C 131 -22.68 11.49 14.76
N VAL C 132 -21.53 12.07 15.10
CA VAL C 132 -21.40 13.47 15.52
C VAL C 132 -20.38 14.16 14.65
N ILE C 133 -20.80 15.24 14.03
CA ILE C 133 -19.90 16.02 13.21
C ILE C 133 -19.94 17.43 13.74
N GLY C 134 -18.74 17.96 13.97
CA GLY C 134 -18.55 19.29 14.55
C GLY C 134 -18.89 20.46 13.64
N HIS C 135 -18.38 21.64 14.02
CA HIS C 135 -18.60 22.88 13.31
C HIS C 135 -17.44 23.07 12.34
N ASN C 136 -17.77 23.68 11.20
CA ASN C 136 -16.81 24.11 10.17
C ASN C 136 -16.10 22.94 9.54
N VAL C 137 -16.85 21.84 9.38
CA VAL C 137 -16.34 20.61 8.76
C VAL C 137 -16.60 20.60 7.23
N TRP C 138 -15.55 20.24 6.50
CA TRP C 138 -15.69 19.95 5.07
C TRP C 138 -15.57 18.44 4.86
N ILE C 139 -16.63 17.83 4.34
CA ILE C 139 -16.59 16.42 3.98
C ILE C 139 -16.49 16.29 2.46
N GLY C 140 -15.32 15.87 1.97
CA GLY C 140 -15.11 15.63 0.53
C GLY C 140 -16.09 14.70 -0.12
N GLY C 141 -16.29 14.86 -1.44
CA GLY C 141 -17.27 14.02 -2.10
C GLY C 141 -16.92 12.54 -2.03
N ARG C 142 -17.94 11.68 -2.03
CA ARG C 142 -17.74 10.22 -1.99
C ARG C 142 -17.10 9.66 -0.71
N ALA C 143 -17.05 10.46 0.32
CA ALA C 143 -16.57 9.97 1.58
C ALA C 143 -17.64 9.07 2.21
N VAL C 144 -17.23 8.20 3.13
CA VAL C 144 -18.16 7.32 3.85
C VAL C 144 -17.83 7.54 5.34
N ILE C 145 -18.87 7.85 6.12
CA ILE C 145 -18.68 8.12 7.55
C ILE C 145 -19.40 6.97 8.28
N ASN C 146 -18.64 6.16 9.04
CA ASN C 146 -19.20 4.98 9.65
C ASN C 146 -19.90 5.21 11.01
N PRO C 147 -20.71 4.23 11.45
CA PRO C 147 -21.47 4.44 12.69
C PRO C 147 -20.53 4.66 13.87
N GLY C 148 -20.92 5.56 14.77
CA GLY C 148 -20.15 5.76 16.00
C GLY C 148 -19.05 6.78 15.93
N VAL C 149 -18.79 7.30 14.72
CA VAL C 149 -17.69 8.25 14.48
C VAL C 149 -17.98 9.66 14.99
N THR C 150 -17.01 10.26 15.67
CA THR C 150 -17.06 11.68 15.98
C THR C 150 -16.00 12.41 15.15
N ILE C 151 -16.41 13.47 14.48
CA ILE C 151 -15.49 14.33 13.72
C ILE C 151 -15.40 15.69 14.42
N GLY C 152 -14.19 16.06 14.83
CA GLY C 152 -13.93 17.35 15.49
C GLY C 152 -14.22 18.58 14.64
N ASP C 153 -14.31 19.73 15.31
CA ASP C 153 -14.43 21.03 14.63
C ASP C 153 -13.26 21.28 13.70
N ASN C 154 -13.59 21.84 12.53
CA ASN C 154 -12.62 22.31 11.51
C ASN C 154 -11.87 21.17 10.82
N ALA C 155 -12.35 19.95 11.01
CA ALA C 155 -11.75 18.79 10.35
C ALA C 155 -12.08 18.77 8.85
N VAL C 156 -11.16 18.23 8.05
CA VAL C 156 -11.40 18.12 6.61
C VAL C 156 -11.31 16.66 6.29
N ILE C 157 -12.33 16.18 5.58
CA ILE C 157 -12.36 14.79 5.14
C ILE C 157 -12.07 14.79 3.65
N ALA C 158 -10.95 14.18 3.24
CA ALA C 158 -10.54 14.14 1.82
C ALA C 158 -11.59 13.40 1.02
N SER C 159 -11.77 13.75 -0.26
CA SER C 159 -12.70 13.00 -1.05
C SER C 159 -12.37 11.51 -1.01
N GLY C 160 -13.40 10.70 -1.07
CA GLY C 160 -13.25 9.23 -1.12
C GLY C 160 -12.81 8.59 0.19
N ALA C 161 -12.57 9.40 1.24
CA ALA C 161 -12.03 8.82 2.47
C ALA C 161 -13.09 7.94 3.16
N VAL C 162 -12.67 6.79 3.68
CA VAL C 162 -13.62 5.92 4.42
C VAL C 162 -13.24 6.00 5.91
N VAL C 163 -14.07 6.72 6.67
CA VAL C 163 -13.78 7.14 8.04
C VAL C 163 -14.34 6.10 9.00
N THR C 164 -13.43 5.40 9.66
CA THR C 164 -13.79 4.29 10.54
C THR C 164 -13.54 4.60 12.01
N LYS C 165 -12.78 5.65 12.27
CA LYS C 165 -12.51 6.07 13.65
C LYS C 165 -12.75 7.55 13.85
N ASP C 166 -12.70 8.00 15.11
CA ASP C 166 -12.86 9.42 15.39
C ASP C 166 -11.82 10.29 14.67
N VAL C 167 -12.25 11.44 14.21
CA VAL C 167 -11.32 12.38 13.54
C VAL C 167 -11.06 13.55 14.47
N PRO C 168 -9.78 13.80 14.84
CA PRO C 168 -9.47 14.91 15.77
C PRO C 168 -9.89 16.25 15.17
N ALA C 169 -10.21 17.24 16.03
CA ALA C 169 -10.42 18.61 15.53
C ALA C 169 -9.17 19.07 14.76
N ASN C 170 -9.36 19.90 13.74
CA ASN C 170 -8.27 20.55 12.98
C ASN C 170 -7.40 19.58 12.20
N ALA C 171 -7.96 18.41 11.90
CA ALA C 171 -7.21 17.41 11.18
C ALA C 171 -7.75 17.21 9.76
N VAL C 172 -6.83 16.88 8.86
CA VAL C 172 -7.21 16.42 7.52
C VAL C 172 -7.01 14.90 7.48
N VAL C 173 -8.05 14.15 7.11
CA VAL C 173 -7.93 12.68 6.96
C VAL C 173 -8.22 12.18 5.54
N GLY C 174 -7.45 11.19 5.09
CA GLY C 174 -7.75 10.60 3.79
C GLY C 174 -7.42 9.14 3.81
N GLY C 175 -7.86 8.40 2.79
CA GLY C 175 -7.53 6.99 2.68
C GLY C 175 -8.65 6.07 3.15
N ASN C 176 -8.38 4.77 3.09
CA ASN C 176 -9.32 3.73 3.48
C ASN C 176 -8.57 2.51 4.08
N PRO C 177 -8.64 2.34 5.43
CA PRO C 177 -9.30 3.24 6.40
C PRO C 177 -8.59 4.59 6.48
N ALA C 178 -9.38 5.66 6.66
CA ALA C 178 -8.83 7.02 6.73
C ALA C 178 -7.84 7.15 7.89
N LYS C 179 -6.77 7.92 7.65
CA LYS C 179 -5.77 8.28 8.65
C LYS C 179 -5.50 9.78 8.53
N VAL C 180 -5.04 10.38 9.63
CA VAL C 180 -4.63 11.78 9.62
C VAL C 180 -3.46 11.96 8.66
N ILE C 181 -3.65 12.91 7.74
CA ILE C 181 -2.61 13.18 6.76
C ILE C 181 -1.90 14.47 7.17
N LYS C 182 -2.71 15.48 7.51
CA LYS C 182 -2.25 16.83 7.76
C LYS C 182 -2.88 17.35 9.05
N TRP C 183 -2.09 18.06 9.85
CA TRP C 183 -2.61 18.80 11.01
C TRP C 183 -2.65 20.28 10.67
N LEU C 184 -3.82 20.89 10.77
CA LEU C 184 -3.99 22.30 10.40
C LEU C 184 -3.45 23.26 11.49
N LYS C 185 -3.68 22.91 12.75
CA LYS C 185 -3.18 23.74 13.88
C LYS C 185 -4.26 24.07 14.89
N LYS D 2 25.91 -37.33 -15.73
CA LYS D 2 26.16 -36.00 -15.09
C LYS D 2 26.63 -36.05 -13.63
N SER D 3 27.77 -35.42 -13.39
CA SER D 3 28.27 -35.09 -12.04
C SER D 3 27.34 -34.06 -11.41
N GLU D 4 27.47 -33.87 -10.12
CA GLU D 4 26.67 -32.89 -9.38
C GLU D 4 26.97 -31.47 -9.84
N LYS D 5 28.24 -31.15 -10.09
CA LYS D 5 28.59 -29.83 -10.64
C LYS D 5 27.88 -29.62 -11.98
N GLU D 6 27.87 -30.65 -12.83
CA GLU D 6 27.21 -30.54 -14.10
C GLU D 6 25.71 -30.25 -13.95
N LYS D 7 25.04 -30.98 -13.06
CA LYS D 7 23.66 -30.69 -12.71
C LYS D 7 23.49 -29.26 -12.23
N MET D 8 24.35 -28.85 -11.28
CA MET D 8 24.29 -27.47 -10.72
C MET D 8 24.30 -26.42 -11.84
N LEU D 9 25.28 -26.55 -12.72
CA LEU D 9 25.49 -25.55 -13.75
C LEU D 9 24.40 -25.55 -14.81
N ALA D 10 23.72 -26.67 -15.01
CA ALA D 10 22.61 -26.79 -15.97
C ALA D 10 21.25 -26.34 -15.39
N GLY D 11 21.22 -25.94 -14.11
CA GLY D 11 19.97 -25.55 -13.46
C GLY D 11 19.07 -26.71 -13.03
N HIS D 12 19.65 -27.91 -12.96
CA HIS D 12 18.98 -29.10 -12.43
C HIS D 12 19.19 -29.25 -10.94
N LEU D 13 18.41 -30.14 -10.32
CA LEU D 13 18.58 -30.50 -8.92
C LEU D 13 19.93 -31.14 -8.70
N TYR D 14 20.60 -30.71 -7.65
CA TYR D 14 21.96 -31.16 -7.39
C TYR D 14 22.18 -31.21 -5.88
N ASN D 15 23.16 -32.00 -5.47
CA ASN D 15 23.56 -32.13 -4.08
C ASN D 15 24.78 -31.28 -3.77
N PRO D 16 24.58 -30.15 -3.06
CA PRO D 16 25.71 -29.29 -2.75
C PRO D 16 26.75 -29.95 -1.83
N ALA D 17 26.41 -31.11 -1.24
CA ALA D 17 27.41 -31.81 -0.39
C ALA D 17 28.43 -32.64 -1.17
N ASP D 18 28.20 -32.76 -2.47
CA ASP D 18 29.18 -33.29 -3.42
C ASP D 18 30.58 -32.79 -3.13
N LEU D 19 31.56 -33.70 -3.02
CA LEU D 19 32.90 -33.35 -2.59
C LEU D 19 33.60 -32.36 -3.52
N GLU D 20 33.36 -32.46 -4.83
CA GLU D 20 33.95 -31.50 -5.77
C GLU D 20 33.40 -30.09 -5.50
N LEU D 21 32.10 -30.01 -5.31
CA LEU D 21 31.46 -28.70 -5.07
C LEU D 21 31.89 -28.11 -3.74
N VAL D 22 32.05 -28.96 -2.72
CA VAL D 22 32.56 -28.52 -1.44
C VAL D 22 33.98 -27.94 -1.54
N LYS D 23 34.88 -28.64 -2.24
CA LYS D 23 36.21 -28.14 -2.45
C LYS D 23 36.15 -26.77 -3.12
N GLU D 24 35.30 -26.64 -4.12
CA GLU D 24 35.23 -25.37 -4.88
C GLU D 24 34.69 -24.21 -4.02
N ARG D 25 33.70 -24.52 -3.18
CA ARG D 25 33.14 -23.53 -2.24
C ARG D 25 34.19 -23.10 -1.25
N GLU D 26 35.03 -24.05 -0.81
CA GLU D 26 36.07 -23.72 0.13
C GLU D 26 37.12 -22.86 -0.54
N ARG D 27 37.44 -23.17 -1.80
CA ARG D 27 38.41 -22.36 -2.54
C ARG D 27 37.93 -20.90 -2.71
N ALA D 28 36.65 -20.73 -2.99
CA ALA D 28 36.05 -19.40 -3.15
C ALA D 28 36.09 -18.63 -1.81
N ARG D 29 35.74 -19.31 -0.72
CA ARG D 29 35.79 -18.66 0.61
C ARG D 29 37.23 -18.28 0.99
N ARG D 30 38.21 -19.09 0.59
CA ARG D 30 39.60 -18.75 0.83
C ARG D 30 40.02 -17.44 0.13
N LEU D 31 39.69 -17.32 -1.14
CA LEU D 31 40.01 -16.11 -1.90
C LEU D 31 39.28 -14.88 -1.34
N VAL D 32 38.03 -15.09 -0.94
CA VAL D 32 37.18 -14.04 -0.36
C VAL D 32 37.81 -13.59 0.97
N ARG D 33 38.20 -14.59 1.79
CA ARG D 33 38.91 -14.29 3.03
C ARG D 33 40.10 -13.38 2.78
N LEU D 34 40.97 -13.76 1.84
CA LEU D 34 42.14 -12.94 1.48
C LEU D 34 41.73 -11.56 0.96
N TYR D 35 40.67 -11.52 0.15
CA TYR D 35 40.14 -10.23 -0.34
C TYR D 35 39.71 -9.31 0.82
N ASN D 36 38.85 -9.82 1.68
CA ASN D 36 38.30 -9.03 2.80
C ASN D 36 39.33 -8.54 3.84
N GLU D 37 40.49 -9.19 3.86
CA GLU D 37 41.60 -8.82 4.72
C GLU D 37 42.55 -7.78 4.09
N THR D 38 42.40 -7.50 2.79
CA THR D 38 43.29 -6.52 2.17
C THR D 38 43.03 -5.12 2.75
N LEU D 39 44.08 -4.32 2.84
CA LEU D 39 43.96 -2.93 3.28
C LEU D 39 43.31 -2.08 2.22
N GLU D 40 42.79 -0.94 2.66
CA GLU D 40 42.05 -0.01 1.80
C GLU D 40 42.95 0.62 0.71
N THR D 41 44.27 0.49 0.84
CA THR D 41 45.24 1.05 -0.14
C THR D 41 45.80 0.00 -1.13
N GLU D 42 45.35 -1.24 -1.00
CA GLU D 42 45.91 -2.39 -1.75
C GLU D 42 45.12 -2.71 -3.02
N TYR D 43 44.95 -1.67 -3.83
CA TYR D 43 44.17 -1.71 -5.05
C TYR D 43 44.60 -2.79 -6.09
N ASP D 44 45.90 -2.89 -6.35
CA ASP D 44 46.42 -3.88 -7.29
C ASP D 44 46.23 -5.32 -6.79
N LYS D 45 46.45 -5.53 -5.49
CA LYS D 45 46.26 -6.84 -4.87
C LYS D 45 44.80 -7.22 -4.92
N ARG D 46 43.91 -6.25 -4.70
CA ARG D 46 42.47 -6.47 -4.82
C ARG D 46 42.03 -6.86 -6.26
N THR D 47 42.53 -6.11 -7.23
CA THR D 47 42.21 -6.35 -8.63
C THR D 47 42.61 -7.78 -9.00
N GLY D 48 43.84 -8.15 -8.63
CA GLY D 48 44.44 -9.48 -8.92
C GLY D 48 43.60 -10.58 -8.30
N LEU D 49 43.22 -10.39 -7.05
CA LEU D 49 42.37 -11.35 -6.35
C LEU D 49 41.03 -11.57 -7.06
N LEU D 50 40.35 -10.50 -7.44
CA LEU D 50 39.05 -10.61 -8.08
C LEU D 50 39.12 -11.23 -9.48
N LYS D 51 40.19 -10.92 -10.22
CA LYS D 51 40.37 -11.44 -11.57
C LYS D 51 40.66 -12.95 -11.49
N GLU D 52 41.29 -13.38 -10.39
CA GLU D 52 41.45 -14.82 -10.15
C GLU D 52 40.12 -15.45 -9.71
N LEU D 53 39.42 -14.81 -8.78
CA LEU D 53 38.16 -15.34 -8.23
C LEU D 53 37.02 -15.49 -9.26
N PHE D 54 36.74 -14.40 -10.00
CA PHE D 54 35.67 -14.38 -10.97
C PHE D 54 35.98 -15.18 -12.25
N GLY D 55 34.91 -15.56 -12.93
CA GLY D 55 34.97 -16.17 -14.27
C GLY D 55 35.60 -15.25 -15.29
N SER D 56 35.10 -14.02 -15.34
CA SER D 56 35.64 -13.04 -16.25
C SER D 56 35.37 -11.64 -15.72
N THR D 57 36.21 -10.72 -16.17
CA THR D 57 36.07 -9.29 -15.83
C THR D 57 36.44 -8.41 -17.02
N GLY D 58 36.20 -7.12 -16.89
CA GLY D 58 36.86 -6.13 -17.75
C GLY D 58 38.21 -5.67 -17.24
N GLU D 59 38.68 -4.53 -17.76
CA GLU D 59 40.01 -4.10 -17.38
C GLU D 59 40.09 -3.65 -15.91
N ARG D 60 39.00 -3.07 -15.43
CA ARG D 60 39.00 -2.40 -14.14
C ARG D 60 37.79 -2.82 -13.34
N LEU D 61 37.97 -3.00 -12.03
CA LEU D 61 36.85 -3.27 -11.14
C LEU D 61 37.28 -2.99 -9.71
N PHE D 62 36.29 -2.79 -8.85
CA PHE D 62 36.53 -2.43 -7.48
C PHE D 62 35.33 -2.84 -6.63
N ILE D 63 35.60 -3.50 -5.51
CA ILE D 63 34.55 -4.02 -4.61
C ILE D 63 34.98 -3.65 -3.17
N GLU D 64 34.07 -3.03 -2.42
CA GLU D 64 34.37 -2.70 -1.03
C GLU D 64 34.15 -3.92 -0.14
N PRO D 65 35.17 -4.38 0.63
CA PRO D 65 34.84 -5.40 1.65
C PRO D 65 33.66 -4.98 2.60
N ASN D 66 32.90 -5.91 3.16
CA ASN D 66 33.07 -7.35 2.95
C ASN D 66 32.33 -7.76 1.68
N PHE D 67 32.91 -8.73 0.99
CA PHE D 67 32.25 -9.36 -0.14
C PHE D 67 32.07 -10.83 0.25
N ARG D 68 30.97 -11.42 -0.23
CA ARG D 68 30.65 -12.86 -0.12
C ARG D 68 30.23 -13.46 -1.46
N CYS D 69 30.68 -14.68 -1.75
CA CYS D 69 30.09 -15.44 -2.85
C CYS D 69 30.19 -16.93 -2.60
N ASP D 70 29.55 -17.70 -3.47
CA ASP D 70 29.53 -19.17 -3.32
C ASP D 70 30.67 -19.88 -4.05
N TYR D 71 30.92 -19.50 -5.32
CA TYR D 71 31.90 -20.22 -6.20
C TYR D 71 32.94 -19.32 -6.83
N GLY D 72 32.55 -18.08 -7.11
CA GLY D 72 33.51 -17.12 -7.71
C GLY D 72 33.38 -17.22 -9.23
N TYR D 73 33.66 -18.41 -9.76
CA TYR D 73 33.82 -18.57 -11.22
C TYR D 73 32.56 -18.35 -12.04
N ASN D 74 31.41 -18.32 -11.38
CA ASN D 74 30.16 -18.12 -12.04
C ASN D 74 29.81 -16.62 -12.18
N ILE D 75 30.65 -15.77 -11.62
CA ILE D 75 30.45 -14.32 -11.68
C ILE D 75 31.24 -13.73 -12.84
N HIS D 76 30.52 -13.02 -13.74
CA HIS D 76 31.16 -12.31 -14.87
C HIS D 76 30.73 -10.85 -14.85
N VAL D 77 31.68 -9.94 -14.87
CA VAL D 77 31.38 -8.49 -14.84
C VAL D 77 32.03 -7.75 -16.02
N GLY D 78 31.34 -6.71 -16.49
CA GLY D 78 31.83 -5.83 -17.54
C GLY D 78 32.74 -4.74 -17.02
N GLU D 79 33.04 -3.79 -17.90
CA GLU D 79 34.00 -2.78 -17.62
C GLU D 79 33.60 -1.89 -16.44
N ASN D 80 34.59 -1.46 -15.67
CA ASN D 80 34.44 -0.51 -14.56
C ASN D 80 33.36 -0.97 -13.58
N PHE D 81 33.41 -2.24 -13.24
CA PHE D 81 32.43 -2.75 -12.31
C PHE D 81 32.66 -2.17 -10.91
N PHE D 82 31.60 -1.72 -10.22
CA PHE D 82 31.74 -1.22 -8.84
C PHE D 82 30.68 -1.85 -7.93
N MET D 83 31.10 -2.36 -6.76
CA MET D 83 30.09 -2.86 -5.77
C MET D 83 30.52 -2.37 -4.41
N ASN D 84 29.62 -1.67 -3.75
CA ASN D 84 29.93 -1.04 -2.47
C ASN D 84 29.89 -2.06 -1.30
N PHE D 85 30.12 -1.60 -0.06
CA PHE D 85 30.35 -2.49 1.11
C PHE D 85 29.33 -3.61 1.26
N ASP D 86 29.79 -4.77 1.73
CA ASP D 86 28.91 -5.82 2.28
C ASP D 86 27.96 -6.51 1.30
N GLY D 87 28.42 -6.69 0.07
CA GLY D 87 27.63 -7.39 -0.93
C GLY D 87 27.72 -8.90 -0.80
N VAL D 88 26.67 -9.56 -1.29
CA VAL D 88 26.55 -11.02 -1.36
C VAL D 88 26.04 -11.44 -2.74
N ILE D 89 26.74 -12.38 -3.39
CA ILE D 89 26.33 -12.92 -4.69
C ILE D 89 26.35 -14.47 -4.59
N LEU D 90 25.19 -15.10 -4.48
CA LEU D 90 25.09 -16.58 -4.42
C LEU D 90 25.12 -17.09 -5.85
N ASP D 91 26.31 -17.37 -6.37
CA ASP D 91 26.53 -17.73 -7.78
C ASP D 91 26.61 -19.24 -8.02
N VAL D 92 25.56 -19.94 -7.60
CA VAL D 92 25.36 -21.35 -7.94
C VAL D 92 25.17 -21.53 -9.46
N CYS D 93 24.41 -20.63 -10.08
CA CYS D 93 24.46 -20.47 -11.53
C CYS D 93 25.12 -19.14 -11.90
N GLU D 94 25.15 -18.87 -13.20
CA GLU D 94 25.85 -17.69 -13.72
C GLU D 94 25.22 -16.37 -13.27
N VAL D 95 26.05 -15.40 -12.90
CA VAL D 95 25.65 -14.02 -12.63
C VAL D 95 26.46 -13.22 -13.64
N ARG D 96 25.80 -12.70 -14.67
CA ARG D 96 26.52 -11.96 -15.72
C ARG D 96 26.08 -10.50 -15.66
N ILE D 97 27.03 -9.59 -15.50
CA ILE D 97 26.73 -8.15 -15.31
C ILE D 97 27.50 -7.41 -16.40
N GLY D 98 26.83 -6.48 -17.06
CA GLY D 98 27.50 -5.73 -18.14
C GLY D 98 28.33 -4.56 -17.64
N ASP D 99 28.54 -3.61 -18.56
CA ASP D 99 29.56 -2.60 -18.34
C ASP D 99 28.97 -1.49 -17.47
N HIS D 100 29.84 -0.81 -16.73
CA HIS D 100 29.50 0.43 -16.00
C HIS D 100 28.40 0.24 -14.98
N CYS D 101 28.47 -0.87 -14.25
CA CYS D 101 27.47 -1.15 -13.24
C CYS D 101 27.90 -0.46 -11.97
N PHE D 102 26.95 0.19 -11.30
CA PHE D 102 27.17 0.72 -9.94
C PHE D 102 26.24 -0.09 -9.03
N ILE D 103 26.81 -0.80 -8.06
CA ILE D 103 25.97 -1.52 -7.10
C ILE D 103 26.23 -0.94 -5.71
N GLY D 104 25.13 -0.59 -5.04
CA GLY D 104 25.16 0.02 -3.71
C GLY D 104 25.55 -1.00 -2.64
N PRO D 105 25.64 -0.54 -1.38
CA PRO D 105 26.07 -1.42 -0.31
C PRO D 105 24.95 -2.36 0.16
N GLY D 106 25.34 -3.47 0.80
CA GLY D 106 24.40 -4.48 1.30
C GLY D 106 23.51 -5.06 0.22
N VAL D 107 23.99 -5.10 -1.03
CA VAL D 107 23.14 -5.62 -2.10
C VAL D 107 23.30 -7.15 -2.20
N HIS D 108 22.18 -7.88 -2.27
CA HIS D 108 22.22 -9.36 -2.38
C HIS D 108 21.69 -9.81 -3.77
N ILE D 109 22.51 -10.60 -4.47
CA ILE D 109 22.10 -11.18 -5.76
C ILE D 109 22.13 -12.71 -5.59
N TYR D 110 21.00 -13.36 -5.84
CA TYR D 110 20.82 -14.79 -5.60
C TYR D 110 20.54 -15.53 -6.90
N THR D 111 21.24 -16.63 -7.12
CA THR D 111 20.87 -17.60 -8.16
C THR D 111 20.44 -18.93 -7.50
N ALA D 112 20.86 -19.13 -6.25
CA ALA D 112 20.50 -20.32 -5.43
C ALA D 112 19.02 -20.35 -4.99
N THR D 113 18.38 -21.52 -5.06
CA THR D 113 16.99 -21.67 -4.64
C THR D 113 16.71 -23.08 -4.15
N HIS D 114 15.57 -23.26 -3.48
CA HIS D 114 15.14 -24.55 -2.96
C HIS D 114 13.77 -24.95 -3.50
N PRO D 115 13.48 -26.26 -3.52
CA PRO D 115 12.09 -26.66 -3.81
C PRO D 115 11.11 -26.00 -2.81
N LEU D 116 9.91 -25.64 -3.28
CA LEU D 116 8.87 -25.08 -2.40
C LEU D 116 8.27 -26.11 -1.43
N ASP D 117 8.02 -27.33 -1.94
CA ASP D 117 7.55 -28.48 -1.13
C ASP D 117 8.53 -28.86 0.00
N PRO D 118 8.03 -28.92 1.26
CA PRO D 118 8.92 -29.15 2.40
C PRO D 118 9.72 -30.44 2.35
N HIS D 119 9.09 -31.51 1.87
CA HIS D 119 9.74 -32.82 1.81
C HIS D 119 10.76 -32.84 0.67
N GLU D 120 10.36 -32.29 -0.47
CA GLU D 120 11.32 -32.08 -1.56
C GLU D 120 12.56 -31.26 -1.08
N ARG D 121 12.35 -30.08 -0.49
CA ARG D 121 13.47 -29.30 0.08
C ARG D 121 14.34 -30.07 1.10
N ASN D 122 13.71 -30.90 1.92
CA ASN D 122 14.46 -31.65 2.94
C ASN D 122 15.34 -32.78 2.42
N SER D 123 15.03 -33.28 1.22
CA SER D 123 15.90 -34.24 0.53
C SER D 123 17.36 -33.75 0.51
N GLY D 124 17.53 -32.43 0.41
CA GLY D 124 18.86 -31.80 0.50
C GLY D 124 19.34 -31.34 -0.86
N LEU D 125 18.50 -31.53 -1.87
CA LEU D 125 18.82 -31.15 -3.23
C LEU D 125 18.41 -29.70 -3.42
N GLU D 126 19.24 -28.95 -4.15
CA GLU D 126 18.88 -27.57 -4.48
C GLU D 126 18.95 -27.37 -5.98
N TYR D 127 18.72 -26.14 -6.42
CA TYR D 127 18.97 -25.82 -7.81
C TYR D 127 19.26 -24.33 -7.98
N GLY D 128 19.51 -23.92 -9.22
CA GLY D 128 19.84 -22.51 -9.47
C GLY D 128 19.15 -21.98 -10.71
N LYS D 129 18.97 -20.66 -10.76
CA LYS D 129 18.51 -19.99 -11.99
C LYS D 129 19.40 -18.72 -12.13
N PRO D 130 19.99 -18.52 -13.33
CA PRO D 130 20.97 -17.45 -13.49
C PRO D 130 20.32 -16.06 -13.37
N VAL D 131 21.17 -15.05 -13.18
CA VAL D 131 20.77 -13.64 -13.13
C VAL D 131 21.62 -12.92 -14.20
N VAL D 132 20.98 -12.09 -14.99
CA VAL D 132 21.65 -11.34 -16.04
C VAL D 132 21.32 -9.89 -15.82
N ILE D 133 22.34 -9.03 -15.88
CA ILE D 133 22.14 -7.59 -15.64
C ILE D 133 22.82 -6.92 -16.81
N GLY D 134 22.08 -6.06 -17.51
CA GLY D 134 22.63 -5.33 -18.67
C GLY D 134 23.69 -4.27 -18.38
N HIS D 135 23.84 -3.37 -19.35
CA HIS D 135 24.86 -2.35 -19.31
C HIS D 135 24.28 -1.09 -18.69
N ASN D 136 25.13 -0.29 -18.04
CA ASN D 136 24.75 1.04 -17.50
C ASN D 136 23.60 0.92 -16.50
N VAL D 137 23.64 -0.14 -15.68
CA VAL D 137 22.63 -0.41 -14.63
C VAL D 137 23.08 0.18 -13.28
N TRP D 138 22.13 0.73 -12.51
CA TRP D 138 22.43 1.18 -11.15
C TRP D 138 21.53 0.36 -10.24
N ILE D 139 22.15 -0.48 -9.40
CA ILE D 139 21.41 -1.18 -8.35
C ILE D 139 21.61 -0.47 -7.01
N GLY D 140 20.52 0.07 -6.48
CA GLY D 140 20.54 0.86 -5.23
C GLY D 140 20.91 -0.02 -4.04
N GLY D 141 21.47 0.59 -3.01
CA GLY D 141 21.87 -0.19 -1.83
C GLY D 141 20.69 -0.96 -1.26
N ARG D 142 20.98 -2.12 -0.67
CA ARG D 142 19.99 -2.98 0.02
C ARG D 142 18.95 -3.63 -0.89
N ALA D 143 19.16 -3.54 -2.21
CA ALA D 143 18.29 -4.24 -3.11
C ALA D 143 18.57 -5.74 -3.01
N VAL D 144 17.58 -6.51 -3.44
CA VAL D 144 17.61 -7.97 -3.54
C VAL D 144 17.23 -8.35 -4.97
N ILE D 145 18.12 -9.09 -5.64
CA ILE D 145 17.83 -9.59 -6.97
C ILE D 145 17.64 -11.12 -6.93
N ASN D 146 16.45 -11.61 -7.26
CA ASN D 146 16.11 -13.03 -7.11
C ASN D 146 16.60 -13.89 -8.30
N PRO D 147 16.63 -15.22 -8.10
CA PRO D 147 17.10 -16.11 -9.16
C PRO D 147 16.24 -16.01 -10.42
N GLY D 148 16.92 -16.12 -11.56
CA GLY D 148 16.21 -16.14 -12.84
C GLY D 148 15.88 -14.76 -13.39
N VAL D 149 16.29 -13.70 -12.68
CA VAL D 149 15.91 -12.36 -13.09
C VAL D 149 16.90 -11.81 -14.14
N THR D 150 16.35 -11.16 -15.17
CA THR D 150 17.14 -10.37 -16.12
C THR D 150 16.72 -8.90 -15.99
N ILE D 151 17.72 -8.02 -15.93
CA ILE D 151 17.55 -6.58 -15.81
C ILE D 151 18.12 -5.94 -17.07
N GLY D 152 17.26 -5.22 -17.82
CA GLY D 152 17.67 -4.62 -19.08
C GLY D 152 18.66 -3.49 -18.96
N ASP D 153 19.25 -3.10 -20.11
CA ASP D 153 20.22 -2.03 -20.12
C ASP D 153 19.62 -0.73 -19.57
N ASN D 154 20.43 0.05 -18.85
CA ASN D 154 20.07 1.39 -18.39
C ASN D 154 19.07 1.39 -17.20
N ALA D 155 18.77 0.21 -16.65
CA ALA D 155 17.66 0.16 -15.68
C ALA D 155 18.21 0.67 -14.37
N VAL D 156 17.31 1.14 -13.50
CA VAL D 156 17.69 1.59 -12.17
C VAL D 156 16.83 0.78 -11.18
N ILE D 157 17.49 0.19 -10.19
CA ILE D 157 16.80 -0.52 -9.09
C ILE D 157 16.89 0.40 -7.87
N ALA D 158 15.74 0.89 -7.38
CA ALA D 158 15.70 1.76 -6.19
C ALA D 158 16.37 1.06 -5.01
N SER D 159 16.94 1.84 -4.09
CA SER D 159 17.49 1.25 -2.88
C SER D 159 16.37 0.42 -2.20
N GLY D 160 16.77 -0.66 -1.55
CA GLY D 160 15.81 -1.61 -0.92
C GLY D 160 14.82 -2.40 -1.77
N ALA D 161 14.86 -2.28 -3.11
CA ALA D 161 13.89 -3.00 -3.96
C ALA D 161 14.08 -4.50 -3.91
N VAL D 162 13.00 -5.24 -3.83
CA VAL D 162 13.08 -6.71 -3.90
C VAL D 162 12.54 -7.16 -5.27
N VAL D 163 13.49 -7.51 -6.14
CA VAL D 163 13.22 -7.72 -7.57
C VAL D 163 13.00 -9.22 -7.80
N THR D 164 11.77 -9.56 -8.14
CA THR D 164 11.29 -10.94 -8.22
C THR D 164 11.03 -11.30 -9.68
N LYS D 165 11.04 -10.30 -10.55
CA LYS D 165 10.76 -10.54 -11.98
C LYS D 165 11.64 -9.66 -12.87
N ASP D 166 11.62 -9.94 -14.18
CA ASP D 166 12.50 -9.20 -15.09
C ASP D 166 12.21 -7.72 -15.04
N VAL D 167 13.24 -6.92 -15.25
CA VAL D 167 13.11 -5.48 -15.27
C VAL D 167 13.42 -5.07 -16.67
N PRO D 168 12.49 -4.36 -17.32
CA PRO D 168 12.74 -3.88 -18.69
C PRO D 168 13.91 -2.90 -18.78
N ALA D 169 14.50 -2.83 -19.97
CA ALA D 169 15.50 -1.82 -20.23
C ALA D 169 14.89 -0.42 -20.00
N ASN D 170 15.67 0.52 -19.46
CA ASN D 170 15.25 1.94 -19.33
C ASN D 170 14.11 2.15 -18.33
N ALA D 171 13.94 1.19 -17.42
CA ALA D 171 12.92 1.28 -16.37
C ALA D 171 13.59 1.60 -15.02
N VAL D 172 12.84 2.32 -14.17
CA VAL D 172 13.18 2.47 -12.73
C VAL D 172 12.18 1.60 -11.97
N VAL D 173 12.66 0.69 -11.11
CA VAL D 173 11.75 -0.19 -10.33
C VAL D 173 12.02 0.03 -8.82
N GLY D 174 10.99 -0.18 -8.00
CA GLY D 174 11.11 0.03 -6.57
C GLY D 174 9.99 -0.70 -5.88
N GLY D 175 10.19 -0.97 -4.59
CA GLY D 175 9.13 -1.64 -3.80
C GLY D 175 9.44 -3.11 -3.58
N ASN D 176 8.51 -3.79 -2.93
CA ASN D 176 8.63 -5.18 -2.54
C ASN D 176 7.26 -5.86 -2.60
N PRO D 177 6.97 -6.61 -3.70
CA PRO D 177 7.82 -6.85 -4.88
C PRO D 177 8.01 -5.60 -5.72
N ALA D 178 9.19 -5.45 -6.28
CA ALA D 178 9.49 -4.30 -7.10
C ALA D 178 8.53 -4.18 -8.30
N LYS D 179 8.13 -2.95 -8.60
CA LYS D 179 7.33 -2.62 -9.77
C LYS D 179 7.96 -1.44 -10.50
N VAL D 180 7.71 -1.31 -11.79
CA VAL D 180 8.20 -0.11 -12.48
C VAL D 180 7.48 1.13 -11.97
N ILE D 181 8.28 2.10 -11.56
CA ILE D 181 7.82 3.36 -10.96
C ILE D 181 7.97 4.50 -11.94
N LYS D 182 8.81 4.31 -12.96
CA LYS D 182 9.00 5.31 -14.00
C LYS D 182 9.89 4.81 -15.13
N TRP D 183 9.74 5.50 -16.26
CA TRP D 183 10.43 5.13 -17.49
C TRP D 183 11.44 6.22 -17.86
N LEU D 184 12.60 5.81 -18.34
CA LEU D 184 13.71 6.71 -18.66
C LEU D 184 13.74 7.06 -20.15
N LYS E 2 36.22 25.37 -8.55
CA LYS E 2 35.76 24.58 -7.37
C LYS E 2 36.34 23.16 -7.40
N SER E 3 36.91 22.73 -6.29
CA SER E 3 37.48 21.40 -6.21
C SER E 3 36.34 20.38 -6.25
N GLU E 4 36.69 19.13 -6.51
CA GLU E 4 35.70 18.06 -6.50
C GLU E 4 35.09 17.92 -5.11
N LYS E 5 35.89 18.13 -4.07
CA LYS E 5 35.42 18.04 -2.67
C LYS E 5 34.37 19.10 -2.38
N GLU E 6 34.64 20.35 -2.78
CA GLU E 6 33.69 21.46 -2.58
C GLU E 6 32.39 21.18 -3.32
N LYS E 7 32.49 20.65 -4.55
CA LYS E 7 31.30 20.22 -5.28
C LYS E 7 30.57 19.07 -4.57
N MET E 8 31.29 18.04 -4.14
CA MET E 8 30.62 16.97 -3.38
C MET E 8 29.80 17.53 -2.17
N LEU E 9 30.44 18.35 -1.34
CA LEU E 9 29.80 18.87 -0.12
C LEU E 9 28.61 19.77 -0.39
N ALA E 10 28.68 20.52 -1.49
CA ALA E 10 27.63 21.46 -1.92
C ALA E 10 26.48 20.75 -2.65
N GLY E 11 26.64 19.45 -2.90
CA GLY E 11 25.61 18.69 -3.56
C GLY E 11 25.60 18.79 -5.08
N HIS E 12 26.73 19.20 -5.66
CA HIS E 12 26.94 19.20 -7.11
C HIS E 12 27.53 17.87 -7.61
N LEU E 13 27.44 17.63 -8.93
CA LEU E 13 28.13 16.50 -9.52
C LEU E 13 29.61 16.64 -9.23
N TYR E 14 30.26 15.54 -8.87
CA TYR E 14 31.70 15.53 -8.61
C TYR E 14 32.27 14.18 -9.07
N ASN E 15 33.59 14.14 -9.23
CA ASN E 15 34.30 12.91 -9.57
C ASN E 15 34.94 12.31 -8.30
N PRO E 16 34.40 11.16 -7.83
CA PRO E 16 34.93 10.51 -6.60
C PRO E 16 36.41 10.09 -6.75
N ALA E 17 36.89 9.98 -7.99
CA ALA E 17 38.30 9.63 -8.25
C ALA E 17 39.31 10.76 -8.01
N ASP E 18 38.81 11.96 -7.74
CA ASP E 18 39.66 13.07 -7.27
C ASP E 18 40.63 12.60 -6.18
N LEU E 19 41.90 13.03 -6.28
CA LEU E 19 42.93 12.55 -5.37
C LEU E 19 42.71 12.96 -3.92
N GLU E 20 42.24 14.18 -3.71
CA GLU E 20 41.93 14.67 -2.38
C GLU E 20 40.90 13.77 -1.72
N LEU E 21 39.85 13.45 -2.48
CA LEU E 21 38.72 12.65 -1.98
C LEU E 21 39.11 11.19 -1.77
N VAL E 22 39.96 10.66 -2.65
CA VAL E 22 40.48 9.30 -2.49
C VAL E 22 41.30 9.17 -1.19
N LYS E 23 42.14 10.16 -0.91
CA LYS E 23 42.94 10.14 0.34
C LYS E 23 42.04 10.15 1.59
N GLU E 24 41.02 11.03 1.56
CA GLU E 24 40.03 11.15 2.64
C GLU E 24 39.24 9.85 2.83
N ARG E 25 38.87 9.21 1.72
CA ARG E 25 38.22 7.92 1.79
C ARG E 25 39.13 6.86 2.41
N GLU E 26 40.40 6.86 2.04
CA GLU E 26 41.35 5.92 2.61
C GLU E 26 41.51 6.16 4.13
N ARG E 27 41.60 7.42 4.53
CA ARG E 27 41.71 7.78 5.97
C ARG E 27 40.49 7.25 6.73
N ALA E 28 39.30 7.46 6.19
CA ALA E 28 38.08 6.98 6.86
C ALA E 28 38.10 5.48 6.98
N ARG E 29 38.46 4.78 5.90
CA ARG E 29 38.51 3.30 5.94
C ARG E 29 39.56 2.77 6.93
N ARG E 30 40.67 3.48 7.08
CA ARG E 30 41.69 3.08 8.04
C ARG E 30 41.11 3.13 9.46
N LEU E 31 40.46 4.23 9.82
CA LEU E 31 39.84 4.37 11.16
C LEU E 31 38.74 3.33 11.41
N VAL E 32 37.94 3.10 10.38
CA VAL E 32 36.93 2.06 10.38
C VAL E 32 37.52 0.66 10.59
N ARG E 33 38.60 0.38 9.88
CA ARG E 33 39.30 -0.88 10.01
C ARG E 33 39.81 -1.02 11.46
N LEU E 34 40.41 0.04 11.99
CA LEU E 34 40.88 0.00 13.39
C LEU E 34 39.70 -0.22 14.36
N TYR E 35 38.58 0.42 14.03
CA TYR E 35 37.37 0.30 14.84
C TYR E 35 36.81 -1.13 14.86
N ASN E 36 36.64 -1.69 13.67
CA ASN E 36 36.00 -2.98 13.52
C ASN E 36 36.79 -4.14 14.17
N GLU E 37 38.09 -3.96 14.37
CA GLU E 37 38.89 -5.03 14.98
C GLU E 37 38.96 -4.93 16.50
N THR E 38 38.45 -3.82 17.07
CA THR E 38 38.51 -3.64 18.53
C THR E 38 37.70 -4.73 19.26
N LEU E 39 38.15 -5.14 20.45
CA LEU E 39 37.43 -6.15 21.21
C LEU E 39 36.16 -5.58 21.85
N GLU E 40 35.22 -6.49 22.13
CA GLU E 40 33.93 -6.16 22.74
C GLU E 40 34.05 -5.41 24.09
N THR E 41 35.23 -5.49 24.69
CA THR E 41 35.48 -4.86 25.99
C THR E 41 36.25 -3.55 25.93
N GLU E 42 36.69 -3.16 24.74
CA GLU E 42 37.54 -1.97 24.55
C GLU E 42 36.67 -0.73 24.33
N TYR E 43 35.87 -0.39 25.33
CA TYR E 43 34.91 0.69 25.21
C TYR E 43 35.56 2.05 25.01
N ASP E 44 36.63 2.32 25.75
CA ASP E 44 37.29 3.62 25.70
C ASP E 44 37.98 3.81 24.35
N LYS E 45 38.54 2.72 23.83
CA LYS E 45 39.22 2.73 22.53
C LYS E 45 38.21 3.02 21.42
N ARG E 46 37.04 2.39 21.54
CA ARG E 46 35.96 2.60 20.59
C ARG E 46 35.47 4.05 20.58
N THR E 47 35.18 4.59 21.76
CA THR E 47 34.86 6.02 21.91
C THR E 47 35.89 6.96 21.25
N GLY E 48 37.18 6.71 21.49
CA GLY E 48 38.23 7.56 20.95
C GLY E 48 38.23 7.52 19.43
N LEU E 49 38.04 6.32 18.88
CA LEU E 49 38.12 6.13 17.42
C LEU E 49 36.97 6.82 16.73
N LEU E 50 35.77 6.68 17.31
CA LEU E 50 34.57 7.33 16.75
C LEU E 50 34.58 8.85 16.82
N LYS E 51 35.14 9.40 17.92
CA LYS E 51 35.28 10.84 18.06
C LYS E 51 36.36 11.39 17.13
N GLU E 52 37.34 10.56 16.78
CA GLU E 52 38.30 10.93 15.74
C GLU E 52 37.66 10.88 14.33
N LEU E 53 36.90 9.82 14.08
CA LEU E 53 36.28 9.54 12.77
C LEU E 53 35.16 10.53 12.41
N PHE E 54 34.20 10.73 13.32
CA PHE E 54 33.05 11.60 13.09
C PHE E 54 33.33 13.11 13.14
N GLY E 55 32.51 13.87 12.41
CA GLY E 55 32.59 15.35 12.44
C GLY E 55 32.28 15.97 13.79
N SER E 56 31.27 15.42 14.46
CA SER E 56 30.96 15.78 15.86
C SER E 56 30.12 14.70 16.56
N THR E 57 30.21 14.68 17.89
CA THR E 57 29.47 13.72 18.70
C THR E 57 29.06 14.39 20.01
N GLY E 58 28.20 13.72 20.77
CA GLY E 58 27.94 14.10 22.17
C GLY E 58 28.98 13.46 23.07
N GLU E 59 28.70 13.44 24.37
CA GLU E 59 29.66 12.89 25.32
C GLU E 59 29.83 11.39 25.19
N ARG E 60 28.73 10.65 25.02
CA ARG E 60 28.75 9.18 24.89
C ARG E 60 28.13 8.64 23.59
N LEU E 61 28.76 7.62 23.04
CA LEU E 61 28.17 6.91 21.88
C LEU E 61 28.68 5.47 21.85
N PHE E 62 27.94 4.61 21.20
CA PHE E 62 28.34 3.21 21.05
C PHE E 62 27.81 2.65 19.73
N ILE E 63 28.70 2.00 19.00
CA ILE E 63 28.36 1.36 17.73
C ILE E 63 28.92 -0.06 17.73
N GLU E 64 28.07 -1.04 17.48
CA GLU E 64 28.52 -2.42 17.32
C GLU E 64 29.18 -2.63 15.95
N PRO E 65 30.43 -3.17 15.93
CA PRO E 65 30.98 -3.68 14.64
C PRO E 65 30.09 -4.73 13.98
N ASN E 66 30.10 -4.78 12.64
CA ASN E 66 30.94 -3.90 11.82
C ASN E 66 30.23 -2.59 11.48
N PHE E 67 30.99 -1.53 11.24
CA PHE E 67 30.43 -0.25 10.82
C PHE E 67 31.14 0.09 9.50
N ARG E 68 30.45 0.82 8.60
CA ARG E 68 31.13 1.35 7.40
C ARG E 68 30.68 2.80 7.18
N CYS E 69 31.57 3.64 6.68
CA CYS E 69 31.15 4.96 6.17
C CYS E 69 32.09 5.34 5.04
N ASP E 70 31.84 6.49 4.42
CA ASP E 70 32.66 6.99 3.34
C ASP E 70 33.77 7.97 3.75
N TYR E 71 33.41 8.98 4.56
CA TYR E 71 34.31 10.09 4.92
C TYR E 71 34.48 10.26 6.42
N GLY E 72 33.42 9.95 7.19
CA GLY E 72 33.52 10.07 8.65
C GLY E 72 33.17 11.50 9.08
N TYR E 73 33.94 12.49 8.59
CA TYR E 73 33.78 13.88 9.02
C TYR E 73 32.43 14.54 8.73
N ASN E 74 31.65 13.95 7.82
CA ASN E 74 30.31 14.41 7.50
C ASN E 74 29.27 13.85 8.43
N ILE E 75 29.67 12.99 9.36
CA ILE E 75 28.70 12.40 10.29
C ILE E 75 28.72 13.15 11.63
N HIS E 76 27.53 13.59 12.06
CA HIS E 76 27.36 14.41 13.28
C HIS E 76 26.22 13.77 14.07
N VAL E 77 26.52 13.30 15.27
CA VAL E 77 25.53 12.59 16.07
C VAL E 77 25.38 13.31 17.42
N GLY E 78 24.16 13.29 17.95
CA GLY E 78 23.89 13.96 19.25
C GLY E 78 24.18 13.07 20.43
N GLU E 79 23.71 13.47 21.62
CA GLU E 79 23.95 12.70 22.85
C GLU E 79 23.46 11.26 22.78
N ASN E 80 24.22 10.36 23.42
CA ASN E 80 23.80 9.00 23.67
C ASN E 80 23.43 8.25 22.40
N PHE E 81 24.23 8.46 21.37
CA PHE E 81 23.97 7.84 20.06
C PHE E 81 24.22 6.33 20.19
N PHE E 82 23.30 5.51 19.68
CA PHE E 82 23.52 4.07 19.60
C PHE E 82 23.20 3.51 18.21
N MET E 83 24.09 2.67 17.69
CA MET E 83 23.79 1.99 16.42
C MET E 83 24.24 0.55 16.53
N ASN E 84 23.33 -0.36 16.26
CA ASN E 84 23.58 -1.79 16.39
C ASN E 84 24.34 -2.38 15.18
N PHE E 85 24.52 -3.70 15.19
CA PHE E 85 25.49 -4.40 14.31
C PHE E 85 25.33 -4.02 12.86
N ASP E 86 26.45 -3.96 12.14
CA ASP E 86 26.45 -4.01 10.65
C ASP E 86 25.79 -2.79 9.99
N GLY E 87 26.03 -1.62 10.54
CA GLY E 87 25.45 -0.40 9.93
C GLY E 87 26.31 0.17 8.80
N VAL E 88 25.67 0.91 7.89
CA VAL E 88 26.43 1.60 6.82
C VAL E 88 25.89 3.04 6.71
N ILE E 89 26.77 4.03 6.69
CA ILE E 89 26.40 5.45 6.50
C ILE E 89 27.23 6.02 5.38
N LEU E 90 26.61 6.22 4.21
CA LEU E 90 27.33 6.80 3.07
C LEU E 90 27.21 8.31 3.18
N ASP E 91 28.23 8.95 3.79
CA ASP E 91 28.24 10.37 4.16
C ASP E 91 29.06 11.22 3.19
N VAL E 92 28.69 11.13 1.91
CA VAL E 92 29.15 12.04 0.86
C VAL E 92 28.74 13.50 1.20
N CYS E 93 27.49 13.67 1.66
CA CYS E 93 26.99 14.93 2.21
C CYS E 93 26.73 14.73 3.71
N GLU E 94 26.38 15.82 4.41
CA GLU E 94 26.22 15.74 5.87
C GLU E 94 25.14 14.75 6.29
N VAL E 95 25.42 13.96 7.32
CA VAL E 95 24.38 13.18 8.00
C VAL E 95 24.36 13.78 9.40
N ARG E 96 23.24 14.42 9.73
CA ARG E 96 23.11 15.06 11.03
C ARG E 96 22.01 14.33 11.81
N ILE E 97 22.35 13.89 13.02
CA ILE E 97 21.46 13.06 13.83
C ILE E 97 21.41 13.67 15.24
N GLY E 98 20.22 13.84 15.79
CA GLY E 98 20.13 14.53 17.10
C GLY E 98 20.32 13.55 18.24
N ASP E 99 19.82 13.92 19.42
CA ASP E 99 20.09 13.16 20.66
C ASP E 99 19.21 11.94 20.81
N HIS E 100 19.72 10.98 21.57
CA HIS E 100 19.00 9.77 21.97
C HIS E 100 18.45 9.02 20.76
N CYS E 101 19.31 8.88 19.75
CA CYS E 101 18.98 8.07 18.60
C CYS E 101 19.29 6.63 18.93
N PHE E 102 18.33 5.75 18.64
CA PHE E 102 18.46 4.29 18.69
C PHE E 102 18.35 3.72 17.26
N ILE E 103 19.46 3.17 16.75
CA ILE E 103 19.46 2.61 15.39
C ILE E 103 19.68 1.10 15.51
N GLY E 104 18.81 0.34 14.86
CA GLY E 104 18.86 -1.12 14.83
C GLY E 104 19.99 -1.64 13.96
N PRO E 105 20.09 -2.99 13.88
CA PRO E 105 21.21 -3.59 13.15
C PRO E 105 20.90 -3.57 11.65
N GLY E 106 21.94 -3.60 10.84
CA GLY E 106 21.77 -3.67 9.38
C GLY E 106 21.11 -2.43 8.78
N VAL E 107 21.21 -1.29 9.48
CA VAL E 107 20.57 -0.02 9.00
C VAL E 107 21.48 0.69 8.03
N HIS E 108 20.93 1.10 6.89
CA HIS E 108 21.69 1.88 5.90
C HIS E 108 21.11 3.28 5.78
N ILE E 109 22.00 4.25 5.85
CA ILE E 109 21.70 5.66 5.66
C ILE E 109 22.59 6.15 4.51
N TYR E 110 21.95 6.65 3.46
CA TYR E 110 22.65 7.09 2.26
C TYR E 110 22.50 8.56 2.02
N THR E 111 23.60 9.21 1.66
CA THR E 111 23.50 10.55 1.06
C THR E 111 23.93 10.51 -0.40
N ALA E 112 24.66 9.45 -0.76
CA ALA E 112 25.25 9.26 -2.11
C ALA E 112 24.17 8.88 -3.14
N THR E 113 24.23 9.48 -4.33
CA THR E 113 23.24 9.15 -5.37
C THR E 113 23.85 9.36 -6.76
N HIS E 114 23.18 8.84 -7.80
CA HIS E 114 23.58 8.99 -9.21
C HIS E 114 22.47 9.64 -10.00
N PRO E 115 22.82 10.28 -11.13
CA PRO E 115 21.73 10.68 -12.05
C PRO E 115 20.92 9.47 -12.53
N LEU E 116 19.59 9.65 -12.59
CA LEU E 116 18.65 8.65 -13.10
C LEU E 116 18.75 8.53 -14.60
N ASP E 117 18.90 9.67 -15.26
CA ASP E 117 18.98 9.68 -16.69
C ASP E 117 20.19 8.85 -17.11
N PRO E 118 19.98 7.88 -18.03
CA PRO E 118 21.04 6.96 -18.43
C PRO E 118 22.29 7.63 -18.97
N HIS E 119 22.13 8.67 -19.82
CA HIS E 119 23.32 9.40 -20.35
C HIS E 119 24.16 10.08 -19.26
N GLU E 120 23.49 10.88 -18.42
CA GLU E 120 24.18 11.56 -17.30
C GLU E 120 24.88 10.59 -16.34
N ARG E 121 24.20 9.50 -15.95
CA ARG E 121 24.78 8.54 -15.02
C ARG E 121 26.05 7.87 -15.59
N ASN E 122 25.99 7.60 -16.90
CA ASN E 122 27.13 7.04 -17.64
C ASN E 122 28.40 7.93 -17.68
N SER E 123 28.29 9.21 -17.26
CA SER E 123 29.48 10.07 -17.04
C SER E 123 30.37 9.55 -15.93
N GLY E 124 29.82 8.69 -15.06
CA GLY E 124 30.56 8.27 -13.88
C GLY E 124 30.60 9.31 -12.75
N LEU E 125 29.95 10.45 -12.95
CA LEU E 125 29.92 11.49 -11.91
C LEU E 125 28.75 11.28 -10.97
N GLU E 126 28.94 11.67 -9.71
CA GLU E 126 27.92 11.42 -8.70
C GLU E 126 27.62 12.70 -7.96
N TYR E 127 26.58 12.65 -7.14
CA TYR E 127 26.34 13.70 -6.18
C TYR E 127 25.73 13.18 -4.88
N GLY E 128 25.37 14.11 -4.01
CA GLY E 128 24.83 13.76 -2.68
C GLY E 128 23.69 14.66 -2.28
N LYS E 129 22.86 14.16 -1.38
CA LYS E 129 21.84 14.98 -0.70
C LYS E 129 21.89 14.63 0.79
N PRO E 130 21.97 15.66 1.66
CA PRO E 130 22.10 15.41 3.10
C PRO E 130 20.88 14.72 3.74
N VAL E 131 21.13 14.12 4.89
CA VAL E 131 20.12 13.47 5.67
C VAL E 131 20.15 14.15 7.03
N VAL E 132 18.95 14.42 7.56
CA VAL E 132 18.79 15.05 8.87
C VAL E 132 17.85 14.17 9.69
N ILE E 133 18.27 13.77 10.88
CA ILE E 133 17.44 12.93 11.73
C ILE E 133 17.31 13.68 13.05
N GLY E 134 16.07 13.82 13.50
CA GLY E 134 15.72 14.59 14.70
C GLY E 134 16.19 13.99 16.01
N HIS E 135 15.70 14.57 17.10
CA HIS E 135 15.93 14.08 18.44
C HIS E 135 14.93 12.97 18.77
N ASN E 136 15.37 12.03 19.60
CA ASN E 136 14.54 10.91 20.13
C ASN E 136 13.91 10.04 19.03
N VAL E 137 14.70 9.74 17.99
CA VAL E 137 14.20 8.93 16.87
C VAL E 137 14.61 7.48 17.06
N TRP E 138 13.72 6.56 16.78
CA TRP E 138 14.06 5.14 16.79
C TRP E 138 13.96 4.64 15.34
N ILE E 139 15.08 4.15 14.84
CA ILE E 139 15.14 3.55 13.51
C ILE E 139 15.28 2.02 13.67
N GLY E 140 14.23 1.30 13.28
CA GLY E 140 14.15 -0.17 13.37
C GLY E 140 15.26 -0.81 12.54
N GLY E 141 15.61 -2.05 12.90
CA GLY E 141 16.72 -2.72 12.19
C GLY E 141 16.34 -2.89 10.72
N ARG E 142 17.34 -2.85 9.83
CA ARG E 142 17.14 -3.12 8.38
C ARG E 142 16.36 -2.03 7.65
N ALA E 143 16.15 -0.90 8.31
CA ALA E 143 15.57 0.23 7.58
C ALA E 143 16.64 0.82 6.64
N VAL E 144 16.18 1.48 5.59
CA VAL E 144 17.03 2.23 4.68
C VAL E 144 16.54 3.69 4.67
N ILE E 145 17.45 4.62 4.89
CA ILE E 145 17.14 6.07 4.85
C ILE E 145 17.83 6.63 3.62
N ASN E 146 17.03 7.13 2.69
CA ASN E 146 17.52 7.65 1.39
C ASN E 146 18.03 9.06 1.39
N PRO E 147 18.81 9.43 0.36
CA PRO E 147 19.36 10.77 0.35
C PRO E 147 18.28 11.86 0.35
N GLY E 148 18.58 12.93 1.09
CA GLY E 148 17.77 14.15 1.16
C GLY E 148 16.56 14.03 2.07
N VAL E 149 16.49 12.96 2.85
CA VAL E 149 15.35 12.73 3.75
C VAL E 149 15.56 13.49 5.06
N THR E 150 14.50 14.11 5.61
CA THR E 150 14.54 14.64 6.97
C THR E 150 13.53 13.87 7.81
N ILE E 151 13.94 13.48 9.02
CA ILE E 151 13.06 12.72 9.91
C ILE E 151 12.85 13.57 11.18
N GLY E 152 11.58 13.89 11.47
CA GLY E 152 11.21 14.78 12.58
C GLY E 152 11.48 14.15 13.94
N ASP E 153 11.45 14.99 14.98
CA ASP E 153 11.70 14.55 16.33
C ASP E 153 10.68 13.47 16.72
N ASN E 154 11.08 12.53 17.56
CA ASN E 154 10.24 11.46 18.11
C ASN E 154 9.64 10.46 17.09
N ALA E 155 10.12 10.49 15.84
CA ALA E 155 9.56 9.62 14.83
C ALA E 155 10.09 8.21 15.07
N VAL E 156 9.34 7.22 14.57
CA VAL E 156 9.71 5.82 14.69
C VAL E 156 9.64 5.23 13.29
N ILE E 157 10.76 4.65 12.88
CA ILE E 157 10.91 3.97 11.57
C ILE E 157 10.83 2.46 11.85
N ALA E 158 9.81 1.80 11.31
CA ALA E 158 9.60 0.34 11.53
C ALA E 158 10.78 -0.42 10.93
N SER E 159 11.08 -1.58 11.48
CA SER E 159 12.17 -2.38 10.98
C SER E 159 11.86 -2.66 9.49
N GLY E 160 12.91 -2.73 8.67
CA GLY E 160 12.74 -3.01 7.25
C GLY E 160 12.16 -1.86 6.43
N ALA E 161 11.83 -0.72 7.04
CA ALA E 161 11.15 0.33 6.27
C ALA E 161 12.16 0.96 5.29
N VAL E 162 11.70 1.26 4.08
CA VAL E 162 12.56 1.97 3.09
C VAL E 162 12.00 3.41 2.95
N VAL E 163 12.70 4.35 3.53
CA VAL E 163 12.20 5.72 3.72
C VAL E 163 12.63 6.58 2.55
N THR E 164 11.67 6.99 1.72
CA THR E 164 11.98 7.74 0.48
C THR E 164 11.66 9.24 0.55
N LYS E 165 10.89 9.63 1.57
CA LYS E 165 10.52 11.00 1.72
C LYS E 165 10.52 11.39 3.20
N ASP E 166 10.39 12.69 3.48
CA ASP E 166 10.49 13.19 4.86
C ASP E 166 9.45 12.50 5.73
N VAL E 167 9.79 12.31 7.00
CA VAL E 167 8.92 11.65 7.99
C VAL E 167 8.59 12.73 9.01
N PRO E 168 7.27 13.03 9.19
CA PRO E 168 6.88 14.07 10.16
C PRO E 168 7.30 13.71 11.59
N ALA E 169 7.55 14.73 12.41
CA ALA E 169 7.72 14.52 13.86
C ALA E 169 6.51 13.72 14.40
N ASN E 170 6.77 12.81 15.35
CA ASN E 170 5.69 12.05 16.05
C ASN E 170 4.91 11.04 15.18
N ALA E 171 5.44 10.75 13.99
CA ALA E 171 4.86 9.75 13.12
C ALA E 171 5.60 8.40 13.28
N VAL E 172 4.86 7.31 13.16
CA VAL E 172 5.46 5.97 12.96
C VAL E 172 5.30 5.65 11.47
N VAL E 173 6.40 5.35 10.77
CA VAL E 173 6.27 4.95 9.37
C VAL E 173 6.77 3.52 9.16
N GLY E 174 6.27 2.87 8.13
CA GLY E 174 6.76 1.51 7.83
C GLY E 174 6.39 1.14 6.42
N GLY E 175 7.01 0.07 5.89
CA GLY E 175 6.70 -0.38 4.50
C GLY E 175 7.76 0.07 3.50
N ASN E 176 7.52 -0.17 2.21
CA ASN E 176 8.50 0.17 1.20
C ASN E 176 7.78 0.54 -0.11
N PRO E 177 7.68 1.85 -0.43
CA PRO E 177 8.16 3.02 0.30
C PRO E 177 7.41 3.20 1.62
N ALA E 178 8.15 3.63 2.66
CA ALA E 178 7.55 3.82 3.98
C ALA E 178 6.39 4.83 3.90
N LYS E 179 5.33 4.53 4.63
CA LYS E 179 4.25 5.49 4.82
C LYS E 179 3.86 5.60 6.32
N VAL E 180 3.18 6.68 6.69
CA VAL E 180 2.66 6.82 8.06
C VAL E 180 1.68 5.68 8.41
N ILE E 181 1.99 4.97 9.48
CA ILE E 181 1.12 3.90 10.00
C ILE E 181 0.47 4.24 11.35
N LYS E 182 1.02 5.22 12.05
CA LYS E 182 0.50 5.61 13.36
C LYS E 182 1.00 6.99 13.68
N TRP E 183 0.21 7.75 14.46
CA TRP E 183 0.68 9.02 15.03
C TRP E 183 0.86 8.82 16.52
N LEU E 184 1.96 9.32 17.06
CA LEU E 184 2.22 9.28 18.51
C LEU E 184 1.61 10.48 19.23
N LYS E 185 1.68 11.65 18.61
CA LYS E 185 0.76 12.77 18.89
C LYS E 185 -0.33 12.83 17.80
N LYS F 2 12.92 -9.22 41.40
CA LYS F 2 13.47 -9.90 40.19
C LYS F 2 14.62 -9.10 39.60
N SER F 3 15.64 -9.82 39.11
CA SER F 3 16.81 -9.17 38.55
C SER F 3 16.44 -8.66 37.15
N GLU F 4 17.29 -7.82 36.59
CA GLU F 4 17.04 -7.29 35.25
C GLU F 4 17.00 -8.44 34.23
N LYS F 5 17.84 -9.46 34.45
CA LYS F 5 17.83 -10.66 33.58
C LYS F 5 16.50 -11.41 33.62
N GLU F 6 15.98 -11.65 34.84
CA GLU F 6 14.70 -12.29 35.01
C GLU F 6 13.57 -11.49 34.34
N LYS F 7 13.61 -10.16 34.46
CA LYS F 7 12.64 -9.30 33.77
C LYS F 7 12.78 -9.46 32.24
N MET F 8 14.01 -9.39 31.74
CA MET F 8 14.30 -9.54 30.31
C MET F 8 13.72 -10.85 29.76
N LEU F 9 14.05 -11.97 30.39
CA LEU F 9 13.59 -13.27 29.91
C LEU F 9 12.07 -13.43 29.94
N ALA F 10 11.42 -12.82 30.96
CA ALA F 10 9.97 -12.86 31.10
C ALA F 10 9.20 -11.88 30.19
N GLY F 11 9.91 -11.09 29.39
CA GLY F 11 9.23 -10.18 28.46
C GLY F 11 8.79 -8.87 29.12
N HIS F 12 9.41 -8.54 30.26
CA HIS F 12 9.16 -7.29 30.98
C HIS F 12 10.17 -6.21 30.63
N LEU F 13 9.82 -4.94 30.92
CA LEU F 13 10.82 -3.88 30.83
C LEU F 13 12.00 -4.19 31.75
N TYR F 14 13.20 -3.99 31.21
CA TYR F 14 14.43 -4.24 31.93
C TYR F 14 15.47 -3.22 31.47
N ASN F 15 16.53 -3.07 32.26
CA ASN F 15 17.61 -2.17 31.93
C ASN F 15 18.79 -2.97 31.39
N PRO F 16 19.10 -2.84 30.09
CA PRO F 16 20.25 -3.58 29.57
C PRO F 16 21.63 -3.20 30.14
N ALA F 17 21.72 -2.10 30.90
CA ALA F 17 22.99 -1.65 31.45
C ALA F 17 23.38 -2.41 32.74
N ASP F 18 22.49 -3.32 33.14
CA ASP F 18 22.66 -4.19 34.29
C ASP F 18 23.96 -4.96 34.16
N LEU F 19 24.74 -5.05 35.24
CA LEU F 19 26.10 -5.63 35.14
C LEU F 19 26.15 -7.08 34.69
N GLU F 20 25.21 -7.90 35.16
CA GLU F 20 25.14 -9.31 34.80
C GLU F 20 24.82 -9.43 33.30
N LEU F 21 23.87 -8.61 32.84
CA LEU F 21 23.50 -8.59 31.41
C LEU F 21 24.66 -8.14 30.52
N VAL F 22 25.35 -7.08 30.93
CA VAL F 22 26.55 -6.60 30.22
C VAL F 22 27.64 -7.68 30.10
N LYS F 23 28.01 -8.28 31.24
CA LYS F 23 28.90 -9.46 31.26
C LYS F 23 28.46 -10.55 30.26
N GLU F 24 27.19 -10.93 30.31
CA GLU F 24 26.63 -11.94 29.38
C GLU F 24 26.73 -11.53 27.90
N ARG F 25 26.46 -10.25 27.60
CA ARG F 25 26.59 -9.77 26.21
C ARG F 25 28.04 -9.77 25.77
N GLU F 26 28.93 -9.39 26.68
CA GLU F 26 30.38 -9.45 26.42
C GLU F 26 30.83 -10.87 26.10
N ARG F 27 30.26 -11.86 26.81
CA ARG F 27 30.62 -13.25 26.62
C ARG F 27 30.13 -13.76 25.25
N ALA F 28 28.92 -13.38 24.89
CA ALA F 28 28.36 -13.75 23.59
C ALA F 28 29.23 -13.21 22.46
N ARG F 29 29.63 -11.94 22.57
CA ARG F 29 30.44 -11.27 21.56
C ARG F 29 31.83 -11.87 21.45
N ARG F 30 32.40 -12.36 22.56
CA ARG F 30 33.73 -12.99 22.54
C ARG F 30 33.72 -14.28 21.73
N LEU F 31 32.70 -15.10 21.97
CA LEU F 31 32.50 -16.37 21.27
C LEU F 31 32.16 -16.17 19.79
N VAL F 32 31.37 -15.12 19.52
CA VAL F 32 31.02 -14.72 18.15
C VAL F 32 32.27 -14.28 17.38
N ARG F 33 33.16 -13.56 18.06
CA ARG F 33 34.42 -13.11 17.50
C ARG F 33 35.29 -14.30 17.15
N LEU F 34 35.35 -15.28 18.05
CA LEU F 34 36.13 -16.49 17.79
C LEU F 34 35.53 -17.27 16.63
N TYR F 35 34.20 -17.31 16.56
CA TYR F 35 33.48 -17.98 15.48
C TYR F 35 33.74 -17.34 14.11
N ASN F 36 33.64 -16.01 14.05
CA ASN F 36 33.73 -15.31 12.76
C ASN F 36 35.14 -15.32 12.20
N GLU F 37 36.13 -15.54 13.09
CA GLU F 37 37.53 -15.69 12.69
C GLU F 37 37.95 -17.07 12.19
N THR F 38 37.11 -18.10 12.35
CA THR F 38 37.51 -19.46 11.94
C THR F 38 37.65 -19.58 10.42
N LEU F 39 38.55 -20.44 9.95
CA LEU F 39 38.70 -20.66 8.51
C LEU F 39 37.55 -21.46 7.94
N GLU F 40 37.35 -21.32 6.63
CA GLU F 40 36.28 -22.04 5.94
C GLU F 40 36.35 -23.56 6.09
N THR F 41 37.51 -24.05 6.50
CA THR F 41 37.77 -25.49 6.62
C THR F 41 37.65 -26.01 8.07
N GLU F 42 37.46 -25.10 9.03
CA GLU F 42 37.42 -25.49 10.47
C GLU F 42 36.03 -25.85 10.96
N TYR F 43 35.45 -26.90 10.37
CA TYR F 43 34.08 -27.29 10.60
C TYR F 43 33.82 -27.73 12.04
N ASP F 44 34.77 -28.49 12.59
CA ASP F 44 34.60 -29.01 13.96
C ASP F 44 34.77 -27.91 14.99
N LYS F 45 35.80 -27.09 14.81
CA LYS F 45 35.96 -25.91 15.67
C LYS F 45 34.67 -25.05 15.66
N ARG F 46 34.08 -24.83 14.48
CA ARG F 46 32.79 -24.08 14.34
C ARG F 46 31.58 -24.71 15.07
N THR F 47 31.41 -26.01 14.90
CA THR F 47 30.34 -26.77 15.52
C THR F 47 30.45 -26.65 17.02
N GLY F 48 31.67 -26.82 17.54
CA GLY F 48 31.94 -26.72 18.98
C GLY F 48 31.53 -25.37 19.52
N LEU F 49 31.96 -24.31 18.80
CA LEU F 49 31.75 -22.91 19.22
C LEU F 49 30.28 -22.54 19.26
N LEU F 50 29.51 -23.00 18.27
CA LEU F 50 28.06 -22.80 18.22
C LEU F 50 27.29 -23.57 19.32
N LYS F 51 27.72 -24.80 19.62
CA LYS F 51 27.04 -25.58 20.67
C LYS F 51 27.30 -25.00 22.05
N GLU F 52 28.44 -24.33 22.17
CA GLU F 52 28.79 -23.56 23.37
C GLU F 52 27.95 -22.27 23.46
N LEU F 53 27.82 -21.60 22.31
CA LEU F 53 27.13 -20.29 22.23
C LEU F 53 25.64 -20.42 22.46
N PHE F 54 25.01 -21.35 21.75
CA PHE F 54 23.56 -21.46 21.72
C PHE F 54 23.03 -22.16 22.97
N GLY F 55 21.76 -21.91 23.27
CA GLY F 55 21.05 -22.58 24.36
C GLY F 55 20.90 -24.06 24.08
N SER F 56 20.46 -24.39 22.86
CA SER F 56 20.39 -25.79 22.45
C SER F 56 20.49 -25.99 20.94
N THR F 57 20.93 -27.19 20.54
CA THR F 57 21.10 -27.53 19.13
C THR F 57 20.68 -28.99 18.85
N GLY F 58 20.62 -29.35 17.57
CA GLY F 58 20.67 -30.75 17.17
C GLY F 58 22.11 -31.27 17.08
N GLU F 59 22.31 -32.39 16.39
CA GLU F 59 23.65 -32.97 16.27
C GLU F 59 24.54 -32.13 15.36
N ARG F 60 23.92 -31.64 14.28
CA ARG F 60 24.63 -30.91 13.23
C ARG F 60 24.02 -29.53 12.96
N LEU F 61 24.90 -28.57 12.74
CA LEU F 61 24.51 -27.21 12.34
C LEU F 61 25.69 -26.53 11.63
N PHE F 62 25.37 -25.59 10.75
CA PHE F 62 26.40 -24.82 10.08
C PHE F 62 25.91 -23.42 9.82
N ILE F 63 26.73 -22.46 10.16
CA ILE F 63 26.50 -21.01 9.91
C ILE F 63 27.70 -20.35 9.20
N GLU F 64 27.45 -19.70 8.07
CA GLU F 64 28.48 -18.90 7.42
C GLU F 64 28.75 -17.60 8.16
N PRO F 65 30.00 -17.33 8.55
CA PRO F 65 30.35 -15.97 8.96
C PRO F 65 29.97 -14.88 7.92
N ASN F 66 29.66 -13.67 8.38
CA ASN F 66 29.72 -13.28 9.79
C ASN F 66 28.38 -13.59 10.41
N PHE F 67 28.38 -13.89 11.70
CA PHE F 67 27.12 -14.12 12.46
C PHE F 67 27.11 -13.13 13.63
N ARG F 68 25.93 -12.72 14.06
CA ARG F 68 25.83 -11.82 15.22
C ARG F 68 24.67 -12.24 16.09
N CYS F 69 24.87 -12.10 17.40
CA CYS F 69 23.75 -12.28 18.33
C CYS F 69 23.98 -11.47 19.62
N ASP F 70 22.99 -11.45 20.51
CA ASP F 70 23.09 -10.67 21.74
C ASP F 70 23.55 -11.48 22.95
N TYR F 71 22.93 -12.64 23.15
CA TYR F 71 23.20 -13.49 24.33
C TYR F 71 23.66 -14.90 23.98
N GLY F 72 23.13 -15.48 22.90
CA GLY F 72 23.51 -16.83 22.49
C GLY F 72 22.63 -17.86 23.15
N TYR F 73 22.61 -17.83 24.49
CA TYR F 73 21.86 -18.85 25.26
C TYR F 73 20.36 -18.86 25.05
N ASN F 74 19.81 -17.78 24.50
CA ASN F 74 18.40 -17.75 24.14
C ASN F 74 18.08 -18.34 22.79
N ILE F 75 19.10 -18.75 22.03
CA ILE F 75 18.86 -19.35 20.70
C ILE F 75 18.85 -20.87 20.86
N HIS F 76 17.79 -21.50 20.36
CA HIS F 76 17.59 -22.95 20.35
C HIS F 76 17.23 -23.39 18.95
N VAL F 77 18.09 -24.21 18.32
CA VAL F 77 17.79 -24.66 16.97
C VAL F 77 17.62 -26.18 16.89
N GLY F 78 16.77 -26.64 15.98
CA GLY F 78 16.57 -28.07 15.74
C GLY F 78 17.60 -28.72 14.82
N GLU F 79 17.26 -29.91 14.34
CA GLU F 79 18.23 -30.73 13.60
C GLU F 79 18.57 -30.08 12.26
N ASN F 80 19.83 -30.22 11.88
CA ASN F 80 20.32 -29.84 10.53
C ASN F 80 20.06 -28.36 10.27
N PHE F 81 20.54 -27.52 11.17
CA PHE F 81 20.26 -26.08 11.09
C PHE F 81 21.29 -25.47 10.13
N PHE F 82 20.83 -24.68 9.16
CA PHE F 82 21.76 -23.92 8.29
C PHE F 82 21.36 -22.44 8.25
N MET F 83 22.34 -21.57 8.42
CA MET F 83 22.14 -20.14 8.19
C MET F 83 23.30 -19.58 7.36
N ASN F 84 22.93 -18.92 6.26
CA ASN F 84 23.91 -18.34 5.33
C ASN F 84 24.57 -17.01 5.82
N PHE F 85 25.45 -16.42 4.99
CA PHE F 85 26.31 -15.33 5.38
C PHE F 85 25.58 -14.18 6.09
N ASP F 86 26.18 -13.62 7.13
CA ASP F 86 25.86 -12.22 7.56
C ASP F 86 24.50 -12.11 8.21
N GLY F 87 24.16 -13.11 9.02
CA GLY F 87 22.91 -13.09 9.76
C GLY F 87 23.04 -12.47 11.14
N VAL F 88 21.88 -12.10 11.70
CA VAL F 88 21.84 -11.38 12.98
C VAL F 88 20.62 -11.89 13.73
N ILE F 89 20.81 -12.33 14.99
CA ILE F 89 19.68 -12.77 15.81
C ILE F 89 19.75 -12.02 17.14
N LEU F 90 18.80 -11.10 17.36
CA LEU F 90 18.76 -10.37 18.62
C LEU F 90 17.90 -11.18 19.59
N ASP F 91 18.58 -11.97 20.41
CA ASP F 91 17.91 -12.97 21.26
C ASP F 91 17.90 -12.50 22.71
N VAL F 92 17.21 -11.38 22.92
CA VAL F 92 16.95 -10.85 24.26
C VAL F 92 15.96 -11.78 24.98
N CYS F 93 14.98 -12.25 24.22
CA CYS F 93 14.13 -13.38 24.60
C CYS F 93 14.45 -14.60 23.75
N GLU F 94 13.74 -15.69 24.01
CA GLU F 94 14.02 -16.96 23.33
C GLU F 94 13.73 -16.90 21.84
N VAL F 95 14.67 -17.44 21.08
CA VAL F 95 14.44 -17.72 19.67
C VAL F 95 14.50 -19.24 19.51
N ARG F 96 13.36 -19.84 19.18
CA ARG F 96 13.25 -21.29 19.12
C ARG F 96 12.95 -21.66 17.70
N ILE F 97 13.86 -22.44 17.11
CA ILE F 97 13.76 -22.83 15.71
C ILE F 97 13.68 -24.36 15.55
N GLY F 98 12.77 -24.83 14.71
CA GLY F 98 12.58 -26.28 14.51
C GLY F 98 13.67 -26.96 13.65
N ASP F 99 13.33 -28.16 13.16
CA ASP F 99 14.25 -29.00 12.40
C ASP F 99 14.28 -28.58 10.91
N HIS F 100 15.41 -28.85 10.26
CA HIS F 100 15.55 -28.67 8.79
C HIS F 100 15.21 -27.24 8.35
N CYS F 101 15.64 -26.28 9.18
CA CYS F 101 15.58 -24.86 8.81
C CYS F 101 16.72 -24.49 7.85
N PHE F 102 16.36 -23.77 6.82
CA PHE F 102 17.32 -23.18 5.89
C PHE F 102 17.08 -21.69 5.95
N ILE F 103 18.09 -20.96 6.39
CA ILE F 103 18.03 -19.50 6.47
C ILE F 103 19.03 -18.91 5.47
N GLY F 104 18.54 -18.05 4.60
CA GLY F 104 19.41 -17.34 3.64
C GLY F 104 20.36 -16.31 4.21
N PRO F 105 21.09 -15.62 3.31
CA PRO F 105 22.03 -14.67 3.80
C PRO F 105 21.38 -13.37 4.25
N GLY F 106 22.05 -12.65 5.15
CA GLY F 106 21.56 -11.32 5.55
C GLY F 106 20.22 -11.31 6.28
N VAL F 107 19.85 -12.44 6.89
CA VAL F 107 18.53 -12.56 7.54
C VAL F 107 18.64 -11.98 8.95
N HIS F 108 17.63 -11.19 9.33
CA HIS F 108 17.66 -10.61 10.70
C HIS F 108 16.45 -11.17 11.43
N ILE F 109 16.70 -11.71 12.63
CA ILE F 109 15.62 -12.23 13.51
C ILE F 109 15.75 -11.39 14.79
N TYR F 110 14.67 -10.70 15.15
CA TYR F 110 14.67 -9.77 16.28
C TYR F 110 13.71 -10.23 17.37
N THR F 111 14.13 -10.22 18.63
CA THR F 111 13.18 -10.30 19.78
C THR F 111 13.20 -8.99 20.60
N ALA F 112 14.25 -8.19 20.40
CA ALA F 112 14.46 -6.92 21.09
C ALA F 112 13.56 -5.84 20.51
N THR F 113 13.01 -5.01 21.42
CA THR F 113 12.14 -3.92 21.02
C THR F 113 12.16 -2.80 22.08
N HIS F 114 11.59 -1.66 21.72
CA HIS F 114 11.56 -0.45 22.56
C HIS F 114 10.10 0.04 22.68
N PRO F 115 9.80 0.78 23.77
CA PRO F 115 8.58 1.58 23.87
C PRO F 115 8.50 2.54 22.66
N LEU F 116 7.29 2.72 22.13
CA LEU F 116 6.98 3.78 21.11
C LEU F 116 7.11 5.22 21.65
N ASP F 117 6.54 5.47 22.83
CA ASP F 117 6.69 6.79 23.49
C ASP F 117 8.15 7.25 23.73
N PRO F 118 8.52 8.50 23.35
CA PRO F 118 9.94 8.87 23.48
C PRO F 118 10.42 8.98 24.95
N HIS F 119 9.60 9.41 25.90
CA HIS F 119 10.09 9.45 27.31
C HIS F 119 10.33 8.00 27.79
N GLU F 120 9.42 7.12 27.46
CA GLU F 120 9.53 5.70 27.88
C GLU F 120 10.76 5.06 27.22
N ARG F 121 10.95 5.35 25.93
CA ARG F 121 12.18 4.89 25.26
C ARG F 121 13.50 5.48 25.76
N ASN F 122 13.55 6.80 25.98
CA ASN F 122 14.79 7.46 26.45
C ASN F 122 15.19 7.10 27.86
N SER F 123 14.26 6.53 28.62
CA SER F 123 14.55 6.02 29.96
C SER F 123 15.61 4.91 29.85
N GLY F 124 15.68 4.26 28.70
CA GLY F 124 16.69 3.19 28.49
C GLY F 124 16.16 1.82 28.81
N LEU F 125 14.90 1.75 29.26
CA LEU F 125 14.21 0.50 29.49
C LEU F 125 13.76 -0.12 28.15
N GLU F 126 14.04 -1.40 27.98
CA GLU F 126 13.65 -2.11 26.75
C GLU F 126 12.90 -3.37 27.13
N TYR F 127 12.42 -4.10 26.14
CA TYR F 127 11.81 -5.39 26.40
C TYR F 127 12.00 -6.31 25.18
N GLY F 128 11.51 -7.53 25.28
CA GLY F 128 11.58 -8.47 24.14
C GLY F 128 10.32 -9.29 24.02
N LYS F 129 10.11 -9.84 22.83
CA LYS F 129 9.02 -10.78 22.60
C LYS F 129 9.60 -11.96 21.81
N PRO F 130 9.42 -13.19 22.31
CA PRO F 130 10.09 -14.36 21.69
C PRO F 130 9.68 -14.61 20.26
N VAL F 131 10.53 -15.29 19.50
CA VAL F 131 10.18 -15.73 18.15
C VAL F 131 10.20 -17.27 18.09
N VAL F 132 9.21 -17.84 17.43
CA VAL F 132 9.10 -19.29 17.32
C VAL F 132 9.00 -19.62 15.84
N ILE F 133 9.85 -20.53 15.37
CA ILE F 133 9.89 -20.90 13.97
C ILE F 133 9.74 -22.42 13.90
N GLY F 134 8.80 -22.91 13.09
CA GLY F 134 8.50 -24.33 13.10
C GLY F 134 9.50 -25.23 12.40
N HIS F 135 9.03 -26.42 12.04
CA HIS F 135 9.85 -27.41 11.39
C HIS F 135 9.77 -27.21 9.89
N ASN F 136 10.85 -27.57 9.20
CA ASN F 136 10.95 -27.51 7.72
C ASN F 136 10.62 -26.12 7.16
N VAL F 137 11.14 -25.09 7.83
CA VAL F 137 10.88 -23.71 7.39
C VAL F 137 12.01 -23.24 6.47
N TRP F 138 11.67 -22.54 5.41
CA TRP F 138 12.69 -21.91 4.56
C TRP F 138 12.55 -20.40 4.69
N ILE F 139 13.56 -19.73 5.26
CA ILE F 139 13.56 -18.26 5.32
C ILE F 139 14.50 -17.71 4.25
N GLY F 140 13.91 -17.07 3.27
CA GLY F 140 14.67 -16.47 2.17
C GLY F 140 15.64 -15.41 2.61
N GLY F 141 16.66 -15.19 1.80
CA GLY F 141 17.69 -14.23 2.18
C GLY F 141 17.13 -12.82 2.37
N ARG F 142 17.72 -12.09 3.28
CA ARG F 142 17.34 -10.68 3.55
C ARG F 142 15.94 -10.46 4.14
N ALA F 143 15.32 -11.55 4.59
CA ALA F 143 14.06 -11.44 5.36
C ALA F 143 14.35 -10.83 6.73
N VAL F 144 13.31 -10.24 7.33
CA VAL F 144 13.39 -9.64 8.67
C VAL F 144 12.22 -10.30 9.44
N ILE F 145 12.52 -10.94 10.58
CA ILE F 145 11.48 -11.59 11.41
C ILE F 145 11.40 -10.74 12.68
N ASN F 146 10.26 -10.04 12.85
CA ASN F 146 10.03 -9.18 14.02
C ASN F 146 9.69 -9.91 15.34
N PRO F 147 9.84 -9.19 16.48
CA PRO F 147 9.54 -9.82 17.80
C PRO F 147 8.11 -10.31 17.91
N GLY F 148 7.94 -11.47 18.55
CA GLY F 148 6.60 -11.99 18.82
C GLY F 148 6.00 -12.84 17.71
N VAL F 149 6.73 -12.96 16.61
CA VAL F 149 6.22 -13.72 15.44
C VAL F 149 6.42 -15.22 15.68
N THR F 150 5.39 -15.98 15.31
CA THR F 150 5.45 -17.45 15.21
C THR F 150 5.28 -17.79 13.75
N ILE F 151 6.15 -18.67 13.26
CA ILE F 151 6.10 -19.14 11.88
C ILE F 151 5.77 -20.63 11.93
N GLY F 152 4.66 -21.01 11.29
CA GLY F 152 4.17 -22.40 11.31
C GLY F 152 5.07 -23.36 10.54
N ASP F 153 4.93 -24.66 10.80
CA ASP F 153 5.74 -25.69 10.10
C ASP F 153 5.55 -25.57 8.59
N ASN F 154 6.63 -25.80 7.84
CA ASN F 154 6.64 -25.85 6.35
C ASN F 154 6.43 -24.50 5.66
N ALA F 155 6.45 -23.42 6.44
CA ALA F 155 6.19 -22.10 5.88
C ALA F 155 7.44 -21.67 5.10
N VAL F 156 7.22 -20.88 4.07
CA VAL F 156 8.30 -20.36 3.23
C VAL F 156 8.18 -18.85 3.29
N ILE F 157 9.28 -18.20 3.71
CA ILE F 157 9.36 -16.75 3.77
C ILE F 157 10.14 -16.30 2.52
N ALA F 158 9.50 -15.56 1.63
CA ALA F 158 10.19 -15.04 0.42
C ALA F 158 11.41 -14.17 0.78
N SER F 159 12.42 -14.12 -0.09
CA SER F 159 13.53 -13.24 0.16
C SER F 159 13.00 -11.81 0.36
N GLY F 160 13.65 -11.10 1.29
CA GLY F 160 13.39 -9.70 1.59
C GLY F 160 12.07 -9.45 2.31
N ALA F 161 11.34 -10.53 2.64
CA ALA F 161 10.04 -10.30 3.29
C ALA F 161 10.24 -9.70 4.68
N VAL F 162 9.38 -8.75 5.04
CA VAL F 162 9.40 -8.16 6.40
C VAL F 162 8.14 -8.66 7.13
N VAL F 163 8.37 -9.60 8.03
CA VAL F 163 7.31 -10.39 8.66
C VAL F 163 6.98 -9.75 10.00
N THR F 164 5.75 -9.26 10.10
CA THR F 164 5.33 -8.40 11.21
C THR F 164 4.25 -9.11 12.02
N LYS F 165 3.71 -10.20 11.49
CA LYS F 165 2.68 -11.01 12.17
C LYS F 165 2.93 -12.50 11.94
N ASP F 166 2.16 -13.34 12.64
CA ASP F 166 2.26 -14.78 12.51
C ASP F 166 2.10 -15.27 11.09
N VAL F 167 2.86 -16.32 10.78
CA VAL F 167 2.85 -16.99 9.50
C VAL F 167 2.25 -18.39 9.63
N PRO F 168 1.13 -18.62 8.94
CA PRO F 168 0.46 -19.93 9.07
C PRO F 168 1.35 -21.04 8.53
N ALA F 169 1.27 -22.22 9.16
CA ALA F 169 1.87 -23.43 8.62
C ALA F 169 1.46 -23.56 7.14
N ASN F 170 2.41 -23.96 6.30
CA ASN F 170 2.16 -24.24 4.86
C ASN F 170 1.92 -23.03 3.97
N ALA F 171 2.15 -21.83 4.52
CA ALA F 171 1.98 -20.61 3.77
C ALA F 171 3.30 -20.11 3.21
N VAL F 172 3.25 -19.52 2.03
CA VAL F 172 4.38 -18.76 1.50
C VAL F 172 3.99 -17.29 1.67
N VAL F 173 4.83 -16.50 2.36
CA VAL F 173 4.59 -15.05 2.53
C VAL F 173 5.70 -14.16 1.90
N GLY F 174 5.32 -12.97 1.42
CA GLY F 174 6.31 -12.05 0.86
C GLY F 174 5.79 -10.64 0.96
N GLY F 175 6.67 -9.66 0.75
CA GLY F 175 6.30 -8.26 0.82
C GLY F 175 6.71 -7.59 2.13
N ASN F 176 6.26 -6.35 2.29
CA ASN F 176 6.55 -5.54 3.48
C ASN F 176 5.41 -4.55 3.74
N PRO F 177 4.53 -4.83 4.74
CA PRO F 177 4.59 -6.02 5.60
C PRO F 177 4.24 -7.25 4.78
N ALA F 178 4.88 -8.37 5.12
CA ALA F 178 4.59 -9.66 4.48
C ALA F 178 3.11 -10.02 4.53
N LYS F 179 2.62 -10.59 3.44
CA LYS F 179 1.29 -11.23 3.38
C LYS F 179 1.42 -12.60 2.69
N VAL F 180 0.42 -13.44 2.86
CA VAL F 180 0.42 -14.77 2.27
C VAL F 180 0.23 -14.57 0.76
N ILE F 181 1.20 -15.05 -0.01
CA ILE F 181 1.18 -14.91 -1.46
C ILE F 181 0.70 -16.20 -2.13
N LYS F 182 0.98 -17.34 -1.49
CA LYS F 182 0.44 -18.61 -1.96
C LYS F 182 0.46 -19.67 -0.85
N TRP F 183 -0.30 -20.75 -1.08
CA TRP F 183 -0.35 -21.88 -0.15
C TRP F 183 0.34 -23.09 -0.74
N LEU F 184 1.12 -23.79 0.07
CA LEU F 184 1.72 -25.05 -0.36
C LEU F 184 0.65 -26.14 -0.32
N LYS F 185 0.23 -26.51 0.89
CA LYS F 185 -0.79 -27.52 1.09
C LYS F 185 -0.64 -28.24 2.42
#